data_5DIZ
#
_entry.id   5DIZ
#
_cell.length_a   69.980
_cell.length_b   76.993
_cell.length_c   80.112
_cell.angle_alpha   72.66
_cell.angle_beta   64.11
_cell.angle_gamma   77.76
#
_symmetry.space_group_name_H-M   'P 1'
#
loop_
_entity.id
_entity.type
_entity.pdbx_description
1 polymer 'Proteinaceous RNase P 2'
2 non-polymer 'ZINC ION'
3 water water
#
_entity_poly.entity_id   1
_entity_poly.type   'polypeptide(L)'
_entity_poly.pdbx_seq_one_letter_code
;SNAMAASDQHRSRRHDESSSRPNKKKKVSRNPETNLLFNLNSCSKSKDLSAALALYDAAITSSEVRLSQQHFQTLLYLCS
ASITDISLQYLAIDRGFEIFDRMVSSGISPNEASVTSVARLAAAKGNGDYAFKVVKEFVSVGGVSIPRLRTYAPALLCFC
EKLEAEKGYEVEEHMEAAGIALEEAEISALLKVSAATGRENKVYRYLHKLREYVGCVSEETLKIIEEWFCGEKAGEVGDN
GIGSDVGMLREAVLNNGGGWHGHGWVGEGKWTVKKGNVSSTGRCLSCSEQLACVDTNEVETQKFVDSLVALAMDRKTKMN
SCETNVVFSEFQDWLEKHGDYEAIVDGANIGLYQQNFVDGSFSLSQLESVMKELYRESGNNKWPLILLHKRRVKTLLENP
THRNLVEEWISNGVLYATPPGSNDDWYWLYAAAKLKCLLVTNDEMRDHIFELLGSTFFQKWKERHQVRYTFVKGNLKLEM
PSPFSVVIQESEKGSWHFPVSCENNEESSRTWMCISRQSILDSPKSNGKIP
;
_entity_poly.pdbx_strand_id   A,B
#
loop_
_chem_comp.id
_chem_comp.type
_chem_comp.name
_chem_comp.formula
ZN non-polymer 'ZINC ION' 'Zn 2'
#
# COMPACT_ATOMS: atom_id res chain seq x y z
N ASN A 31 17.58 12.57 19.77
CA ASN A 31 17.99 11.29 19.10
C ASN A 31 18.62 11.59 17.73
N PRO A 32 19.94 11.33 17.59
CA PRO A 32 20.63 11.69 16.34
C PRO A 32 20.35 10.77 15.13
N GLU A 33 20.10 9.48 15.39
CA GLU A 33 19.86 8.51 14.30
C GLU A 33 18.56 8.80 13.52
N THR A 34 17.50 9.17 14.23
CA THR A 34 16.23 9.54 13.61
C THR A 34 16.30 10.86 12.83
N ASN A 35 17.08 11.83 13.34
CA ASN A 35 17.32 13.10 12.65
C ASN A 35 18.10 12.96 11.35
N LEU A 36 19.08 12.05 11.32
CA LEU A 36 19.86 11.79 10.10
C LEU A 36 18.99 11.14 9.02
N LEU A 37 18.18 10.15 9.41
CA LEU A 37 17.27 9.46 8.50
C LEU A 37 16.17 10.38 7.97
N PHE A 38 15.68 11.29 8.81
CA PHE A 38 14.68 12.28 8.42
C PHE A 38 15.24 13.31 7.42
N ASN A 39 16.43 13.84 7.71
CA ASN A 39 17.08 14.83 6.84
C ASN A 39 17.60 14.27 5.52
N LEU A 40 18.09 13.03 5.53
CA LEU A 40 18.49 12.34 4.30
C LEU A 40 17.30 12.06 3.36
N ASN A 41 16.13 11.76 3.94
CA ASN A 41 14.89 11.63 3.17
C ASN A 41 14.42 12.96 2.58
N SER A 42 14.57 14.05 3.34
CA SER A 42 14.28 15.40 2.84
C SER A 42 15.19 15.81 1.69
N CYS A 43 16.43 15.29 1.69
CA CYS A 43 17.34 15.45 0.55
C CYS A 43 16.92 14.62 -0.66
N SER A 44 16.48 13.38 -0.41
CA SER A 44 15.99 12.49 -1.48
C SER A 44 14.71 12.98 -2.18
N LYS A 45 13.88 13.73 -1.46
CA LYS A 45 12.69 14.37 -2.04
C LYS A 45 13.05 15.48 -3.05
N SER A 46 14.08 16.26 -2.73
CA SER A 46 14.57 17.33 -3.62
C SER A 46 15.69 16.89 -4.57
N LYS A 47 16.17 15.64 -4.44
CA LYS A 47 17.35 15.13 -5.14
C LYS A 47 18.59 16.00 -4.86
N ASP A 48 18.72 16.44 -3.61
CA ASP A 48 19.80 17.32 -3.17
C ASP A 48 20.94 16.47 -2.60
N LEU A 49 21.76 15.91 -3.50
CA LEU A 49 22.89 15.07 -3.12
C LEU A 49 23.91 15.85 -2.31
N SER A 50 24.23 17.06 -2.76
CA SER A 50 25.19 17.94 -2.07
C SER A 50 24.88 18.13 -0.57
N ALA A 51 23.61 18.32 -0.23
CA ALA A 51 23.18 18.52 1.16
C ALA A 51 23.28 17.25 1.99
N ALA A 52 22.73 16.15 1.47
CA ALA A 52 22.79 14.84 2.14
C ALA A 52 24.21 14.32 2.30
N LEU A 53 25.04 14.55 1.27
CA LEU A 53 26.44 14.13 1.28
C LEU A 53 27.31 14.95 2.25
N ALA A 54 26.84 16.15 2.61
CA ALA A 54 27.43 16.94 3.71
C ALA A 54 27.06 16.35 5.08
N LEU A 55 25.79 15.99 5.27
CA LEU A 55 25.33 15.32 6.50
C LEU A 55 26.04 13.98 6.75
N TYR A 56 26.35 13.27 5.66
CA TYR A 56 27.14 12.03 5.70
C TYR A 56 28.50 12.24 6.35
N ASP A 57 29.17 13.34 6.04
CA ASP A 57 30.47 13.68 6.65
C ASP A 57 30.35 14.06 8.12
N ALA A 58 29.35 14.89 8.44
CA ALA A 58 29.09 15.31 9.83
C ALA A 58 28.84 14.14 10.77
N ALA A 59 28.20 13.09 10.28
CA ALA A 59 27.95 11.86 11.05
C ALA A 59 29.23 11.05 11.31
N ILE A 60 30.12 11.00 10.31
CA ILE A 60 31.36 10.21 10.40
C ILE A 60 32.37 10.86 11.34
N THR A 61 32.72 12.11 11.06
CA THR A 61 33.80 12.81 11.78
C THR A 61 33.46 13.14 13.24
N SER A 62 32.21 13.53 13.50
CA SER A 62 31.76 13.82 14.87
C SER A 62 31.63 12.55 15.73
N SER A 63 31.31 11.42 15.09
CA SER A 63 31.16 10.11 15.75
C SER A 63 30.04 10.08 16.80
N GLU A 64 29.00 10.89 16.60
CA GLU A 64 27.86 11.00 17.51
C GLU A 64 26.70 10.11 17.10
N VAL A 65 26.51 9.89 15.80
CA VAL A 65 25.37 9.16 15.25
C VAL A 65 25.78 7.72 14.90
N ARG A 66 24.91 6.76 15.24
CA ARG A 66 25.11 5.36 14.88
C ARG A 66 24.71 5.13 13.42
N LEU A 67 25.71 4.84 12.58
CA LEU A 67 25.48 4.38 11.20
C LEU A 67 24.58 3.14 11.15
N SER A 68 23.70 3.07 10.15
CA SER A 68 22.79 1.93 9.97
C SER A 68 22.39 1.74 8.50
N GLN A 69 21.71 0.63 8.24
CA GLN A 69 21.35 0.20 6.88
C GLN A 69 20.51 1.23 6.11
N GLN A 70 19.54 1.85 6.78
CA GLN A 70 18.66 2.84 6.13
C GLN A 70 19.37 4.16 5.80
N HIS A 71 20.44 4.49 6.53
CA HIS A 71 21.26 5.67 6.21
C HIS A 71 22.08 5.44 4.95
N PHE A 72 22.76 4.29 4.89
CA PHE A 72 23.57 3.90 3.72
C PHE A 72 22.72 3.72 2.46
N GLN A 73 21.56 3.10 2.60
CA GLN A 73 20.65 2.86 1.48
C GLN A 73 20.12 4.15 0.86
N THR A 74 19.65 5.07 1.70
CA THR A 74 19.13 6.37 1.24
C THR A 74 20.17 7.17 0.43
N LEU A 75 21.43 7.11 0.86
CA LEU A 75 22.54 7.76 0.14
C LEU A 75 22.86 7.08 -1.19
N LEU A 76 22.90 5.75 -1.20
CA LEU A 76 23.21 4.99 -2.43
C LEU A 76 22.15 5.17 -3.52
N TYR A 77 20.87 5.18 -3.13
CA TYR A 77 19.77 5.43 -4.08
C TYR A 77 19.86 6.84 -4.67
N LEU A 78 20.18 7.82 -3.80
CA LEU A 78 20.35 9.21 -4.21
C LEU A 78 21.53 9.40 -5.17
N CYS A 79 22.63 8.68 -4.92
CA CYS A 79 23.79 8.66 -5.81
C CYS A 79 23.45 8.07 -7.18
N SER A 80 22.66 7.00 -7.19
CA SER A 80 22.15 6.41 -8.44
C SER A 80 21.13 7.31 -9.12
N ALA A 81 20.28 7.97 -8.33
CA ALA A 81 19.29 8.92 -8.83
C ALA A 81 19.94 10.16 -9.48
N SER A 82 21.10 10.55 -8.99
CA SER A 82 21.81 11.73 -9.47
C SER A 82 22.70 11.50 -10.70
N ILE A 83 22.68 10.31 -11.30
CA ILE A 83 23.50 10.01 -12.48
C ILE A 83 23.05 10.83 -13.69
N THR A 84 21.73 10.99 -13.84
CA THR A 84 21.16 11.79 -14.93
C THR A 84 21.40 13.30 -14.76
N ASP A 85 21.38 13.79 -13.52
CA ASP A 85 21.61 15.21 -13.23
C ASP A 85 23.07 15.57 -13.50
N ILE A 86 23.27 16.58 -14.35
CA ILE A 86 24.61 16.97 -14.83
C ILE A 86 25.42 17.61 -13.69
N SER A 87 24.74 18.40 -12.85
CA SER A 87 25.38 19.09 -11.74
C SER A 87 25.75 18.17 -10.56
N LEU A 88 25.16 16.97 -10.50
CA LEU A 88 25.39 16.05 -9.38
C LEU A 88 26.05 14.71 -9.74
N GLN A 89 26.29 14.44 -11.02
CA GLN A 89 26.86 13.13 -11.44
C GLN A 89 28.28 12.93 -10.92
N TYR A 90 29.13 13.94 -11.08
CA TYR A 90 30.54 13.87 -10.67
C TYR A 90 30.73 13.60 -9.17
N LEU A 91 29.82 14.14 -8.34
CA LEU A 91 29.84 13.89 -6.89
C LEU A 91 29.43 12.45 -6.55
N ALA A 92 28.40 11.96 -7.24
CA ALA A 92 27.89 10.62 -7.02
C ALA A 92 28.90 9.53 -7.42
N ILE A 93 29.60 9.73 -8.53
CA ILE A 93 30.62 8.77 -9.01
C ILE A 93 31.87 8.77 -8.12
N ASP A 94 32.30 9.96 -7.67
CA ASP A 94 33.49 10.09 -6.83
C ASP A 94 33.27 9.50 -5.43
N ARG A 95 32.13 9.84 -4.81
CA ARG A 95 31.85 9.50 -3.41
C ARG A 95 30.81 8.39 -3.18
N GLY A 96 30.32 7.77 -4.26
CA GLY A 96 29.32 6.71 -4.14
C GLY A 96 29.87 5.40 -3.62
N PHE A 97 31.06 5.01 -4.13
CA PHE A 97 31.66 3.71 -3.80
C PHE A 97 32.14 3.63 -2.36
N GLU A 98 32.59 4.76 -1.81
CA GLU A 98 33.00 4.86 -0.40
C GLU A 98 31.83 4.61 0.57
N ILE A 99 30.64 5.06 0.18
CA ILE A 99 29.41 4.82 0.96
C ILE A 99 29.08 3.33 0.98
N PHE A 100 29.19 2.67 -0.17
CA PHE A 100 28.98 1.24 -0.30
C PHE A 100 30.03 0.41 0.44
N ASP A 101 31.29 0.87 0.39
CA ASP A 101 32.38 0.21 1.12
C ASP A 101 32.27 0.39 2.64
N ARG A 102 31.75 1.54 3.09
CA ARG A 102 31.46 1.76 4.51
C ARG A 102 30.28 0.90 4.99
N MET A 103 29.30 0.68 4.10
CA MET A 103 28.13 -0.16 4.40
C MET A 103 28.52 -1.62 4.66
N VAL A 104 29.37 -2.17 3.79
CA VAL A 104 29.81 -3.57 3.90
C VAL A 104 30.71 -3.79 5.12
N SER A 105 31.72 -2.94 5.29
CA SER A 105 32.67 -3.05 6.42
C SER A 105 32.06 -2.77 7.79
N SER A 106 30.94 -2.03 7.83
CA SER A 106 30.17 -1.84 9.07
C SER A 106 29.42 -3.10 9.54
N GLY A 107 29.28 -4.11 8.67
CA GLY A 107 28.60 -5.37 8.99
C GLY A 107 27.16 -5.42 8.50
N ILE A 108 26.91 -4.82 7.34
CA ILE A 108 25.57 -4.78 6.71
C ILE A 108 25.73 -5.30 5.29
N SER A 109 25.10 -6.43 4.98
CA SER A 109 25.15 -6.98 3.62
C SER A 109 24.27 -6.15 2.68
N PRO A 110 24.72 -5.92 1.44
CA PRO A 110 24.01 -5.00 0.55
C PRO A 110 22.80 -5.64 -0.10
N ASN A 111 21.65 -4.99 0.04
CA ASN A 111 20.41 -5.43 -0.64
C ASN A 111 20.45 -5.20 -2.15
N GLU A 112 19.45 -5.74 -2.86
CA GLU A 112 19.40 -5.68 -4.32
C GLU A 112 19.48 -4.25 -4.87
N ALA A 113 18.72 -3.33 -4.28
CA ALA A 113 18.69 -1.93 -4.72
C ALA A 113 20.02 -1.21 -4.54
N SER A 114 20.72 -1.49 -3.43
CA SER A 114 22.05 -0.92 -3.18
C SER A 114 23.11 -1.42 -4.17
N VAL A 115 23.04 -2.69 -4.54
CA VAL A 115 23.96 -3.28 -5.52
C VAL A 115 23.68 -2.69 -6.90
N THR A 116 22.40 -2.55 -7.24
CA THR A 116 21.98 -1.92 -8.51
C THR A 116 22.46 -0.46 -8.58
N SER A 117 22.38 0.26 -7.46
CA SER A 117 22.85 1.64 -7.38
C SER A 117 24.34 1.80 -7.70
N VAL A 118 25.16 0.91 -7.15
CA VAL A 118 26.60 0.92 -7.41
C VAL A 118 26.93 0.38 -8.80
N ALA A 119 26.14 -0.58 -9.28
CA ALA A 119 26.29 -1.09 -10.65
C ALA A 119 26.09 0.01 -11.69
N ARG A 120 25.06 0.85 -11.49
CA ARG A 120 24.81 2.01 -12.35
C ARG A 120 25.92 3.05 -12.27
N LEU A 121 26.35 3.36 -11.04
CA LEU A 121 27.46 4.30 -10.80
C LEU A 121 28.77 3.85 -11.48
N ALA A 122 29.06 2.56 -11.39
CA ALA A 122 30.25 1.98 -12.04
C ALA A 122 30.12 1.95 -13.56
N ALA A 123 28.91 1.64 -14.04
CA ALA A 123 28.62 1.64 -15.48
C ALA A 123 28.66 3.04 -16.09
N ALA A 124 28.38 4.06 -15.27
CA ALA A 124 28.43 5.46 -15.69
C ALA A 124 29.85 5.93 -16.03
N LYS A 125 30.84 5.45 -15.28
CA LYS A 125 32.26 5.77 -15.55
C LYS A 125 33.01 4.68 -16.31
N GLY A 126 32.30 3.91 -17.14
CA GLY A 126 32.91 2.93 -18.03
C GLY A 126 33.55 1.71 -17.42
N ASN A 127 33.25 1.44 -16.14
CA ASN A 127 33.82 0.28 -15.43
C ASN A 127 32.82 -0.87 -15.42
N GLY A 128 32.80 -1.60 -16.53
CA GLY A 128 31.90 -2.75 -16.69
C GLY A 128 32.24 -3.92 -15.79
N ASP A 129 33.54 -4.14 -15.57
CA ASP A 129 34.01 -5.29 -14.78
C ASP A 129 33.66 -5.18 -13.30
N TYR A 130 33.71 -3.98 -12.73
CA TYR A 130 33.24 -3.77 -11.35
C TYR A 130 31.72 -3.85 -11.25
N ALA A 131 31.02 -3.35 -12.27
CA ALA A 131 29.55 -3.48 -12.36
C ALA A 131 29.10 -4.93 -12.51
N PHE A 132 29.95 -5.78 -13.09
CA PHE A 132 29.70 -7.22 -13.19
C PHE A 132 29.98 -7.88 -11.84
N LYS A 133 31.20 -7.72 -11.33
CA LYS A 133 31.66 -8.43 -10.13
C LYS A 133 31.02 -7.96 -8.80
N VAL A 134 30.42 -6.77 -8.79
CA VAL A 134 29.59 -6.34 -7.65
C VAL A 134 28.27 -7.13 -7.56
N VAL A 135 27.78 -7.60 -8.71
CA VAL A 135 26.59 -8.48 -8.78
C VAL A 135 26.95 -9.95 -8.53
N LYS A 136 28.12 -10.38 -9.00
CA LYS A 136 28.61 -11.76 -8.75
C LYS A 136 28.78 -12.06 -7.26
N GLU A 137 29.27 -11.08 -6.49
CA GLU A 137 29.35 -11.19 -5.03
C GLU A 137 27.96 -11.28 -4.39
N PHE A 138 27.02 -10.51 -4.92
CA PHE A 138 25.64 -10.47 -4.41
C PHE A 138 24.89 -11.78 -4.67
N VAL A 139 24.94 -12.26 -5.90
CA VAL A 139 24.30 -13.54 -6.26
C VAL A 139 24.99 -14.76 -5.62
N SER A 140 26.28 -14.64 -5.31
CA SER A 140 27.04 -15.71 -4.63
C SER A 140 26.57 -16.03 -3.20
N VAL A 141 25.91 -15.08 -2.53
CA VAL A 141 25.33 -15.32 -1.22
C VAL A 141 24.11 -16.24 -1.38
N GLY A 142 23.18 -15.82 -2.24
CA GLY A 142 22.03 -16.64 -2.62
C GLY A 142 20.98 -16.88 -1.54
N GLY A 143 20.97 -16.05 -0.50
CA GLY A 143 20.04 -16.20 0.62
C GLY A 143 18.70 -15.57 0.27
N VAL A 144 18.60 -14.26 0.51
CA VAL A 144 17.43 -13.47 0.10
C VAL A 144 17.94 -12.33 -0.80
N SER A 145 18.62 -12.72 -1.88
CA SER A 145 19.19 -11.78 -2.84
C SER A 145 18.09 -11.24 -3.77
N ILE A 146 17.51 -12.13 -4.57
CA ILE A 146 16.49 -11.78 -5.56
C ILE A 146 17.07 -10.78 -6.57
N PRO A 147 18.08 -11.21 -7.36
CA PRO A 147 18.78 -10.29 -8.27
C PRO A 147 18.00 -10.04 -9.57
N ARG A 148 17.40 -8.86 -9.69
CA ARG A 148 16.55 -8.50 -10.84
C ARG A 148 17.39 -8.19 -12.09
N LEU A 149 16.72 -8.00 -13.23
CA LEU A 149 17.40 -7.66 -14.50
C LEU A 149 18.08 -6.29 -14.45
N ARG A 150 17.51 -5.35 -13.70
CA ARG A 150 18.10 -4.02 -13.50
C ARG A 150 19.42 -4.02 -12.72
N THR A 151 19.70 -5.12 -12.01
CA THR A 151 20.99 -5.33 -11.35
C THR A 151 22.09 -5.72 -12.34
N TYR A 152 21.78 -6.65 -13.25
CA TYR A 152 22.73 -7.09 -14.29
C TYR A 152 22.87 -6.12 -15.46
N ALA A 153 21.81 -5.37 -15.78
CA ALA A 153 21.78 -4.48 -16.96
C ALA A 153 22.88 -3.40 -17.03
N PRO A 154 23.23 -2.76 -15.90
CA PRO A 154 24.38 -1.84 -15.86
C PRO A 154 25.69 -2.44 -16.38
N ALA A 155 25.95 -3.70 -16.03
CA ALA A 155 27.13 -4.41 -16.52
C ALA A 155 27.00 -4.68 -18.03
N LEU A 156 25.90 -5.33 -18.41
CA LEU A 156 25.68 -5.75 -19.80
C LEU A 156 25.74 -4.59 -20.78
N LEU A 157 25.01 -3.51 -20.46
CA LEU A 157 24.96 -2.32 -21.31
C LEU A 157 26.32 -1.62 -21.42
N CYS A 158 27.06 -1.59 -20.31
CA CYS A 158 28.40 -1.00 -20.28
C CYS A 158 29.39 -1.73 -21.20
N PHE A 159 29.30 -3.07 -21.22
CA PHE A 159 30.15 -3.88 -22.10
C PHE A 159 29.79 -3.70 -23.58
N CYS A 160 28.49 -3.69 -23.89
CA CYS A 160 28.02 -3.49 -25.26
C CYS A 160 28.27 -2.08 -25.79
N GLU A 161 28.34 -1.11 -24.88
CA GLU A 161 28.77 0.26 -25.22
C GLU A 161 30.22 0.26 -25.69
N LYS A 162 31.09 -0.43 -24.93
CA LYS A 162 32.53 -0.50 -25.22
C LYS A 162 32.92 -1.63 -26.19
N LEU A 163 31.95 -2.19 -26.92
CA LEU A 163 32.18 -3.25 -27.90
C LEU A 163 32.93 -4.48 -27.34
N GLU A 164 32.64 -4.81 -26.08
CA GLU A 164 33.22 -5.96 -25.40
C GLU A 164 32.19 -7.08 -25.47
N ALA A 165 32.11 -7.71 -26.64
CA ALA A 165 31.12 -8.73 -26.94
C ALA A 165 31.22 -9.93 -25.98
N GLU A 166 32.45 -10.42 -25.79
CA GLU A 166 32.70 -11.59 -24.95
C GLU A 166 32.23 -11.37 -23.51
N LYS A 167 32.62 -10.24 -22.93
CA LYS A 167 32.19 -9.86 -21.58
C LYS A 167 30.70 -9.51 -21.51
N GLY A 168 30.15 -9.04 -22.63
CA GLY A 168 28.71 -8.85 -22.77
C GLY A 168 27.93 -10.14 -22.67
N TYR A 169 28.38 -11.16 -23.40
CA TYR A 169 27.69 -12.48 -23.42
C TYR A 169 27.83 -13.23 -22.10
N GLU A 170 28.90 -12.98 -21.36
CA GLU A 170 29.06 -13.50 -19.99
C GLU A 170 27.93 -13.08 -19.05
N VAL A 171 27.45 -11.85 -19.20
CA VAL A 171 26.38 -11.31 -18.35
C VAL A 171 25.08 -12.05 -18.65
N GLU A 172 24.80 -12.27 -19.93
CA GLU A 172 23.64 -13.04 -20.40
C GLU A 172 23.61 -14.44 -19.78
N GLU A 173 24.76 -15.12 -19.82
CA GLU A 173 24.90 -16.45 -19.21
C GLU A 173 24.60 -16.41 -17.70
N HIS A 174 25.16 -15.43 -16.99
CA HIS A 174 24.95 -15.30 -15.55
CA HIS A 174 24.96 -15.28 -15.55
C HIS A 174 23.53 -14.81 -15.21
N MET A 175 22.90 -14.12 -16.15
CA MET A 175 21.47 -13.72 -16.01
C MET A 175 20.57 -14.94 -16.21
N GLU A 176 20.71 -15.58 -17.37
CA GLU A 176 19.89 -16.76 -17.73
C GLU A 176 20.05 -17.94 -16.76
N ALA A 177 21.27 -18.13 -16.24
CA ALA A 177 21.51 -19.14 -15.19
C ALA A 177 20.88 -18.75 -13.86
N ALA A 178 20.90 -17.47 -13.53
CA ALA A 178 20.22 -16.95 -12.32
C ALA A 178 18.70 -16.87 -12.45
N GLY A 179 18.17 -17.10 -13.65
CA GLY A 179 16.73 -17.25 -13.88
C GLY A 179 16.04 -15.92 -14.08
N ILE A 180 16.61 -15.10 -14.97
CA ILE A 180 16.13 -13.75 -15.23
C ILE A 180 15.86 -13.59 -16.73
N ALA A 181 14.71 -12.99 -17.05
CA ALA A 181 14.30 -12.78 -18.44
C ALA A 181 14.93 -11.52 -19.00
N LEU A 182 15.41 -11.61 -20.24
CA LEU A 182 15.95 -10.45 -20.95
C LEU A 182 14.82 -9.74 -21.70
N GLU A 183 14.71 -8.42 -21.50
CA GLU A 183 13.76 -7.59 -22.23
C GLU A 183 14.39 -7.07 -23.53
N GLU A 184 13.60 -6.34 -24.33
CA GLU A 184 14.02 -5.84 -25.64
C GLU A 184 15.30 -5.00 -25.61
N ALA A 185 15.44 -4.15 -24.59
CA ALA A 185 16.60 -3.24 -24.48
C ALA A 185 17.93 -4.00 -24.35
N GLU A 186 17.94 -5.04 -23.52
CA GLU A 186 19.14 -5.85 -23.30
C GLU A 186 19.47 -6.72 -24.51
N ILE A 187 18.43 -7.30 -25.12
CA ILE A 187 18.59 -8.13 -26.32
C ILE A 187 19.09 -7.29 -27.50
N SER A 188 18.58 -6.06 -27.61
CA SER A 188 19.02 -5.12 -28.65
C SER A 188 20.46 -4.68 -28.45
N ALA A 189 20.87 -4.49 -27.19
CA ALA A 189 22.26 -4.17 -26.86
C ALA A 189 23.22 -5.27 -27.31
N LEU A 190 22.85 -6.52 -27.03
CA LEU A 190 23.65 -7.69 -27.44
C LEU A 190 23.66 -7.86 -28.96
N LEU A 191 22.52 -7.57 -29.60
CA LEU A 191 22.44 -7.56 -31.06
C LEU A 191 23.32 -6.45 -31.66
N LYS A 192 23.34 -5.29 -31.01
CA LYS A 192 24.13 -4.14 -31.46
C LYS A 192 25.62 -4.44 -31.44
N VAL A 193 26.12 -4.91 -30.30
CA VAL A 193 27.54 -5.26 -30.14
C VAL A 193 27.98 -6.40 -31.08
N SER A 194 27.09 -7.35 -31.34
CA SER A 194 27.34 -8.41 -32.32
C SER A 194 27.49 -7.86 -33.74
N ALA A 195 26.64 -6.89 -34.09
CA ALA A 195 26.73 -6.20 -35.39
C ALA A 195 27.99 -5.32 -35.51
N ALA A 196 28.43 -4.75 -34.39
CA ALA A 196 29.65 -3.93 -34.35
C ALA A 196 30.90 -4.77 -34.54
N THR A 197 31.04 -5.84 -33.75
CA THR A 197 32.19 -6.75 -33.87
C THR A 197 32.13 -7.65 -35.12
N GLY A 198 30.98 -7.69 -35.79
CA GLY A 198 30.84 -8.43 -37.05
C GLY A 198 30.70 -9.93 -36.85
N ARG A 199 30.09 -10.32 -35.73
CA ARG A 199 29.97 -11.72 -35.33
C ARG A 199 28.63 -12.27 -35.85
N GLU A 200 28.64 -12.65 -37.13
CA GLU A 200 27.43 -13.12 -37.84
C GLU A 200 26.74 -14.36 -37.25
N ASN A 201 27.47 -15.14 -36.45
CA ASN A 201 26.87 -16.24 -35.68
C ASN A 201 25.97 -15.71 -34.57
N LYS A 202 26.48 -14.72 -33.84
CA LYS A 202 25.74 -14.11 -32.71
C LYS A 202 24.57 -13.23 -33.15
N VAL A 203 24.70 -12.55 -34.30
CA VAL A 203 23.59 -11.73 -34.85
C VAL A 203 22.37 -12.61 -35.14
N TYR A 204 22.60 -13.79 -35.71
CA TYR A 204 21.55 -14.79 -35.96
C TYR A 204 20.92 -15.28 -34.66
N ARG A 205 21.73 -15.47 -33.62
CA ARG A 205 21.23 -15.84 -32.29
C ARG A 205 20.17 -14.85 -31.79
N TYR A 206 20.51 -13.56 -31.81
CA TYR A 206 19.67 -12.52 -31.21
C TYR A 206 18.50 -12.05 -32.08
N LEU A 207 18.56 -12.30 -33.39
CA LEU A 207 17.38 -12.17 -34.27
C LEU A 207 16.30 -13.22 -33.99
N HIS A 208 16.66 -14.32 -33.33
CA HIS A 208 15.70 -15.30 -32.83
C HIS A 208 15.30 -15.06 -31.37
N LYS A 209 16.18 -14.44 -30.58
CA LYS A 209 15.83 -14.02 -29.21
C LYS A 209 14.75 -12.94 -29.23
N LEU A 210 14.88 -11.97 -30.14
CA LEU A 210 13.83 -10.97 -30.36
C LEU A 210 12.53 -11.64 -30.77
N ARG A 211 12.60 -12.44 -31.83
CA ARG A 211 11.47 -13.24 -32.33
C ARG A 211 10.75 -13.98 -31.20
N GLU A 212 11.52 -14.63 -30.34
CA GLU A 212 10.98 -15.47 -29.27
C GLU A 212 10.45 -14.64 -28.09
N TYR A 213 11.31 -13.78 -27.54
CA TYR A 213 11.03 -13.08 -26.28
C TYR A 213 10.42 -11.66 -26.42
N VAL A 214 10.25 -11.18 -27.65
CA VAL A 214 9.66 -9.84 -27.87
C VAL A 214 8.44 -9.90 -28.78
N GLY A 215 8.64 -10.27 -30.04
CA GLY A 215 7.57 -10.29 -31.05
C GLY A 215 7.77 -9.15 -32.03
N CYS A 216 7.01 -8.06 -31.88
CA CYS A 216 7.18 -6.84 -32.68
C CYS A 216 8.13 -5.87 -31.99
N VAL A 217 8.98 -5.21 -32.78
CA VAL A 217 10.15 -4.47 -32.26
C VAL A 217 9.96 -2.94 -32.24
N SER A 218 10.85 -2.26 -31.54
CA SER A 218 10.85 -0.80 -31.47
C SER A 218 11.42 -0.18 -32.75
N GLU A 219 11.29 1.15 -32.85
CA GLU A 219 11.86 1.91 -33.97
C GLU A 219 13.39 1.96 -33.88
N GLU A 220 13.93 2.06 -32.67
CA GLU A 220 15.37 2.07 -32.43
C GLU A 220 15.97 0.70 -32.73
N THR A 221 15.36 -0.33 -32.14
CA THR A 221 15.70 -1.73 -32.37
C THR A 221 15.66 -2.12 -33.86
N LEU A 222 14.70 -1.57 -34.59
CA LEU A 222 14.57 -1.80 -36.02
C LEU A 222 15.76 -1.22 -36.79
N LYS A 223 16.20 -0.02 -36.42
CA LYS A 223 17.39 0.61 -37.04
C LYS A 223 18.69 -0.16 -36.73
N ILE A 224 18.78 -0.81 -35.58
CA ILE A 224 19.92 -1.68 -35.25
C ILE A 224 19.96 -2.87 -36.22
N ILE A 225 18.78 -3.43 -36.53
CA ILE A 225 18.64 -4.54 -37.47
C ILE A 225 18.88 -4.07 -38.91
N GLU A 226 18.33 -2.91 -39.25
CA GLU A 226 18.49 -2.33 -40.60
C GLU A 226 19.96 -2.06 -40.91
N GLU A 227 20.69 -1.51 -39.92
CA GLU A 227 22.13 -1.25 -40.06
C GLU A 227 22.95 -2.51 -40.36
N TRP A 228 22.57 -3.64 -39.74
CA TRP A 228 23.26 -4.91 -39.97
C TRP A 228 23.11 -5.39 -41.42
N PHE A 229 21.87 -5.57 -41.84
CA PHE A 229 21.56 -6.11 -43.18
C PHE A 229 22.02 -5.20 -44.34
N CYS A 230 22.04 -3.89 -44.11
CA CYS A 230 22.61 -2.93 -45.07
C CYS A 230 24.15 -2.98 -45.10
N GLY A 231 24.76 -3.28 -43.94
CA GLY A 231 26.22 -3.41 -43.83
C GLY A 231 26.83 -4.53 -44.66
N GLU A 232 28.14 -4.42 -44.88
CA GLU A 232 28.87 -5.30 -45.80
C GLU A 232 29.08 -6.72 -45.25
N LYS A 233 29.24 -6.85 -43.93
CA LYS A 233 29.43 -8.16 -43.28
C LYS A 233 28.24 -9.11 -43.47
N ALA A 234 27.02 -8.56 -43.45
CA ALA A 234 25.80 -9.35 -43.59
C ALA A 234 25.66 -10.04 -44.95
N GLY A 235 26.24 -9.44 -45.99
CA GLY A 235 26.21 -10.01 -47.34
C GLY A 235 27.37 -10.95 -47.68
N GLU A 236 27.85 -11.70 -46.69
CA GLU A 236 28.94 -12.67 -46.87
C GLU A 236 28.62 -13.94 -46.07
N VAL A 237 27.42 -14.48 -46.27
CA VAL A 237 26.93 -15.66 -45.56
C VAL A 237 26.09 -16.55 -46.48
N GLY A 238 26.10 -17.87 -46.20
CA GLY A 238 25.35 -18.82 -47.03
C GLY A 238 25.25 -20.23 -46.47
N ASP A 239 24.45 -21.05 -47.14
CA ASP A 239 24.18 -22.43 -46.71
C ASP A 239 25.33 -23.35 -47.07
N ASP A 245 20.67 -25.95 -49.74
CA ASP A 245 19.61 -26.88 -49.39
C ASP A 245 18.24 -26.20 -49.44
N VAL A 246 17.20 -27.00 -49.69
CA VAL A 246 15.80 -26.54 -49.73
C VAL A 246 14.87 -27.49 -48.96
N GLY A 247 14.87 -28.77 -49.36
CA GLY A 247 13.94 -29.78 -48.86
C GLY A 247 13.81 -29.96 -47.35
N MET A 248 14.94 -30.16 -46.67
CA MET A 248 14.94 -30.43 -45.22
C MET A 248 14.52 -29.25 -44.34
N LEU A 249 14.65 -28.03 -44.86
CA LEU A 249 14.21 -26.82 -44.15
C LEU A 249 12.70 -26.76 -44.00
N ARG A 250 11.96 -27.29 -44.97
CA ARG A 250 10.49 -27.35 -44.90
C ARG A 250 9.98 -28.07 -43.65
N GLU A 251 10.65 -29.17 -43.29
CA GLU A 251 10.34 -29.89 -42.05
C GLU A 251 10.62 -29.02 -40.83
N ALA A 252 11.78 -28.34 -40.83
CA ALA A 252 12.17 -27.45 -39.74
C ALA A 252 11.16 -26.31 -39.50
N VAL A 253 10.62 -25.76 -40.58
CA VAL A 253 9.56 -24.75 -40.50
C VAL A 253 8.31 -25.33 -39.85
N LEU A 254 7.91 -26.52 -40.29
CA LEU A 254 6.70 -27.18 -39.79
C LEU A 254 6.84 -27.66 -38.35
N ASN A 255 7.97 -28.32 -38.04
CA ASN A 255 8.25 -28.84 -36.70
C ASN A 255 8.31 -27.78 -35.61
N ASN A 256 8.92 -26.65 -35.93
CA ASN A 256 9.03 -25.52 -34.99
C ASN A 256 7.70 -24.80 -34.72
N GLY A 257 6.82 -24.77 -35.73
CA GLY A 257 5.53 -24.10 -35.62
C GLY A 257 5.05 -23.53 -36.94
N GLY A 258 5.97 -22.95 -37.72
CA GLY A 258 5.66 -22.27 -38.97
C GLY A 258 6.40 -20.96 -39.15
N GLY A 259 6.73 -20.31 -38.04
CA GLY A 259 7.42 -19.03 -38.06
C GLY A 259 8.87 -19.06 -38.49
N TRP A 260 9.60 -20.10 -38.09
CA TRP A 260 11.06 -20.12 -38.27
C TRP A 260 11.64 -21.52 -38.47
N HIS A 261 12.71 -21.60 -39.27
CA HIS A 261 13.45 -22.85 -39.48
C HIS A 261 14.60 -23.00 -38.48
N GLY A 262 15.22 -21.88 -38.11
CA GLY A 262 16.03 -21.81 -36.90
C GLY A 262 17.44 -22.39 -36.95
N HIS A 263 18.08 -22.32 -38.11
CA HIS A 263 19.49 -22.71 -38.24
C HIS A 263 20.13 -22.16 -39.53
N GLY A 264 21.04 -21.20 -39.36
CA GLY A 264 21.85 -20.68 -40.45
C GLY A 264 21.19 -19.66 -41.37
N TRP A 265 22.01 -18.90 -42.07
CA TRP A 265 21.56 -17.96 -43.10
C TRP A 265 21.39 -18.72 -44.41
N VAL A 266 20.62 -18.15 -45.35
CA VAL A 266 20.37 -18.78 -46.66
C VAL A 266 20.51 -17.74 -47.76
N GLY A 267 21.44 -17.97 -48.69
CA GLY A 267 21.67 -17.07 -49.84
C GLY A 267 23.14 -16.83 -50.11
N GLU A 268 23.42 -15.83 -50.94
CA GLU A 268 24.79 -15.47 -51.35
C GLU A 268 25.25 -14.18 -50.68
N GLY A 269 24.55 -13.09 -50.97
CA GLY A 269 24.92 -11.76 -50.47
C GLY A 269 23.98 -10.68 -50.94
N LYS A 270 24.23 -9.45 -50.50
CA LYS A 270 23.45 -8.26 -50.88
C LYS A 270 21.95 -8.37 -50.52
N TRP A 271 21.63 -8.01 -49.29
CA TRP A 271 20.24 -8.01 -48.82
C TRP A 271 19.45 -6.82 -49.40
N THR A 272 18.15 -7.04 -49.59
CA THR A 272 17.24 -6.00 -50.09
C THR A 272 16.26 -5.61 -48.98
N VAL A 273 16.67 -4.62 -48.18
CA VAL A 273 15.86 -4.14 -47.07
C VAL A 273 14.89 -3.07 -47.55
N LYS A 274 13.64 -3.16 -47.11
CA LYS A 274 12.60 -2.18 -47.46
C LYS A 274 11.38 -2.30 -46.56
N LYS A 275 10.80 -1.15 -46.21
CA LYS A 275 9.58 -1.09 -45.38
C LYS A 275 8.34 -1.08 -46.26
N GLY A 276 7.27 -1.70 -45.78
CA GLY A 276 6.02 -1.80 -46.54
C GLY A 276 4.93 -2.56 -45.82
N ASN A 277 3.68 -2.20 -46.10
CA ASN A 277 2.52 -2.77 -45.39
C ASN A 277 2.19 -4.19 -45.86
N VAL A 278 1.34 -4.85 -45.07
CA VAL A 278 0.95 -6.25 -45.31
C VAL A 278 -0.56 -6.34 -45.55
N SER A 279 -0.97 -7.33 -46.33
CA SER A 279 -2.38 -7.54 -46.66
C SER A 279 -3.18 -8.12 -45.48
N SER A 280 -4.50 -8.07 -45.61
CA SER A 280 -5.40 -8.74 -44.66
C SER A 280 -5.35 -10.27 -44.79
N THR A 281 -4.97 -10.75 -45.98
CA THR A 281 -4.80 -12.20 -46.24
C THR A 281 -3.43 -12.77 -45.86
N GLY A 282 -2.51 -11.92 -45.38
CA GLY A 282 -1.18 -12.37 -45.00
C GLY A 282 -0.27 -12.47 -46.21
N ARG A 283 0.00 -11.32 -46.80
CA ARG A 283 0.81 -11.22 -48.02
C ARG A 283 1.48 -9.84 -48.06
N CYS A 284 2.81 -9.82 -47.89
CA CYS A 284 3.56 -8.56 -47.85
C CYS A 284 3.61 -7.92 -49.22
N LEU A 285 3.33 -6.62 -49.27
CA LEU A 285 3.31 -5.88 -50.53
C LEU A 285 4.70 -5.63 -51.10
N SER A 286 5.73 -5.71 -50.25
CA SER A 286 7.12 -5.48 -50.68
C SER A 286 7.66 -6.64 -51.54
N CYS A 287 7.71 -7.84 -50.96
CA CYS A 287 8.25 -9.03 -51.65
C CYS A 287 7.19 -9.87 -52.36
N SER A 288 5.93 -9.75 -51.94
CA SER A 288 4.80 -10.53 -52.48
C SER A 288 4.95 -12.03 -52.20
N GLU A 289 5.17 -12.35 -50.92
CA GLU A 289 5.26 -13.73 -50.44
C GLU A 289 4.33 -13.94 -49.24
N GLN A 290 4.11 -15.21 -48.90
CA GLN A 290 3.14 -15.60 -47.88
C GLN A 290 3.72 -15.51 -46.46
N LEU A 291 3.05 -14.74 -45.60
CA LEU A 291 3.38 -14.71 -44.17
C LEU A 291 2.79 -15.94 -43.48
N ALA A 292 3.44 -16.38 -42.41
CA ALA A 292 3.05 -17.58 -41.66
C ALA A 292 2.10 -17.24 -40.51
N CYS A 293 1.14 -18.14 -40.28
CA CYS A 293 0.33 -18.17 -39.07
C CYS A 293 0.93 -19.23 -38.16
N VAL A 294 1.68 -18.78 -37.14
CA VAL A 294 2.50 -19.67 -36.33
C VAL A 294 1.66 -20.35 -35.25
N ASP A 295 1.91 -21.63 -35.03
CA ASP A 295 1.26 -22.39 -33.96
C ASP A 295 1.79 -21.90 -32.62
N THR A 296 0.89 -21.71 -31.65
CA THR A 296 1.29 -21.35 -30.28
C THR A 296 2.14 -22.46 -29.67
N ASN A 297 3.10 -22.08 -28.84
CA ASN A 297 4.15 -22.98 -28.34
C ASN A 297 3.56 -24.22 -27.63
N GLU A 298 3.97 -25.40 -28.10
CA GLU A 298 3.37 -26.68 -27.68
C GLU A 298 3.65 -27.02 -26.21
N VAL A 299 4.88 -26.74 -25.76
CA VAL A 299 5.25 -26.91 -24.34
C VAL A 299 4.59 -25.86 -23.43
N GLU A 300 4.41 -24.65 -23.94
CA GLU A 300 3.75 -23.57 -23.19
C GLU A 300 2.24 -23.79 -23.06
N THR A 301 1.63 -24.37 -24.11
CA THR A 301 0.20 -24.75 -24.08
C THR A 301 -0.09 -25.85 -23.06
N GLN A 302 0.88 -26.73 -22.83
CA GLN A 302 0.78 -27.77 -21.79
C GLN A 302 0.84 -27.19 -20.37
N LYS A 303 1.59 -26.10 -20.19
CA LYS A 303 1.61 -25.37 -18.91
C LYS A 303 0.29 -24.66 -18.65
N PHE A 304 -0.35 -24.17 -19.72
CA PHE A 304 -1.65 -23.50 -19.64
C PHE A 304 -2.75 -24.46 -19.17
N VAL A 305 -2.88 -25.60 -19.84
CA VAL A 305 -3.94 -26.58 -19.55
C VAL A 305 -3.81 -27.23 -18.15
N ASP A 306 -2.58 -27.44 -17.68
CA ASP A 306 -2.33 -28.01 -16.35
C ASP A 306 -2.70 -27.04 -15.23
N SER A 307 -2.30 -25.77 -15.39
CA SER A 307 -2.69 -24.70 -14.47
C SER A 307 -4.18 -24.42 -14.50
N LEU A 308 -4.81 -24.64 -15.66
CA LEU A 308 -6.25 -24.49 -15.82
C LEU A 308 -7.02 -25.58 -15.07
N VAL A 309 -6.57 -26.82 -15.20
CA VAL A 309 -7.18 -27.96 -14.48
C VAL A 309 -6.91 -27.86 -12.97
N ALA A 310 -5.74 -27.35 -12.60
CA ALA A 310 -5.38 -27.14 -11.19
C ALA A 310 -6.33 -26.17 -10.48
N LEU A 311 -6.66 -25.06 -11.14
CA LEU A 311 -7.63 -24.09 -10.63
C LEU A 311 -9.07 -24.61 -10.71
N ALA A 312 -9.38 -25.33 -11.77
CA ALA A 312 -10.71 -25.92 -11.98
C ALA A 312 -11.05 -26.99 -10.93
N MET A 313 -10.06 -27.83 -10.61
CA MET A 313 -10.19 -28.82 -9.53
C MET A 313 -10.14 -28.09 -8.19
N ASP A 314 -11.29 -27.55 -7.78
CA ASP A 314 -11.41 -26.74 -6.56
C ASP A 314 -12.88 -26.71 -6.07
N ARG A 315 -13.37 -27.89 -5.70
CA ARG A 315 -14.73 -28.09 -5.17
C ARG A 315 -15.83 -27.58 -6.10
N VAL A 326 -19.49 -31.19 -9.11
CA VAL A 326 -18.31 -31.03 -8.24
C VAL A 326 -17.03 -31.61 -8.86
N VAL A 327 -17.15 -32.72 -9.61
CA VAL A 327 -15.99 -33.40 -10.20
C VAL A 327 -15.72 -32.85 -11.60
N PHE A 328 -14.61 -32.14 -11.75
CA PHE A 328 -14.20 -31.57 -13.04
C PHE A 328 -13.65 -32.63 -14.01
N SER A 329 -12.99 -33.66 -13.46
CA SER A 329 -12.32 -34.69 -14.26
C SER A 329 -13.25 -35.52 -15.17
N GLU A 330 -14.54 -35.57 -14.85
CA GLU A 330 -15.53 -36.30 -15.68
C GLU A 330 -15.72 -35.67 -17.07
N PHE A 331 -15.57 -34.35 -17.17
CA PHE A 331 -15.58 -33.66 -18.47
C PHE A 331 -14.31 -33.95 -19.27
N GLN A 332 -13.15 -34.02 -18.59
CA GLN A 332 -11.86 -34.21 -19.24
C GLN A 332 -11.83 -35.48 -20.10
N ASP A 333 -12.26 -36.59 -19.51
CA ASP A 333 -12.37 -37.86 -20.24
C ASP A 333 -13.49 -37.87 -21.28
N TRP A 334 -14.61 -37.21 -20.99
CA TRP A 334 -15.73 -37.10 -21.93
C TRP A 334 -15.33 -36.41 -23.24
N LEU A 335 -14.54 -35.35 -23.11
CA LEU A 335 -13.97 -34.65 -24.27
C LEU A 335 -13.03 -35.57 -25.06
N GLU A 336 -12.16 -36.29 -24.34
CA GLU A 336 -11.17 -37.16 -24.96
C GLU A 336 -11.82 -38.37 -25.65
N LYS A 337 -12.87 -38.94 -25.03
CA LYS A 337 -13.57 -40.10 -25.60
C LYS A 337 -14.34 -39.69 -26.86
N HIS A 338 -15.25 -38.73 -26.73
CA HIS A 338 -16.06 -38.24 -27.84
C HIS A 338 -15.96 -36.71 -27.91
N GLY A 339 -14.99 -36.24 -28.70
CA GLY A 339 -14.81 -34.82 -28.93
C GLY A 339 -13.72 -34.52 -29.96
N ASP A 340 -14.13 -34.32 -31.21
CA ASP A 340 -13.21 -33.98 -32.32
C ASP A 340 -13.78 -32.80 -33.11
N TYR A 341 -14.12 -31.73 -32.38
CA TYR A 341 -14.79 -30.56 -32.94
C TYR A 341 -13.75 -29.55 -33.42
N GLU A 342 -14.11 -28.76 -34.43
CA GLU A 342 -13.26 -27.65 -34.91
C GLU A 342 -13.49 -26.35 -34.14
N ALA A 343 -14.53 -26.28 -33.31
CA ALA A 343 -14.86 -25.06 -32.58
C ALA A 343 -15.61 -25.31 -31.27
N ILE A 344 -15.42 -24.41 -30.31
CA ILE A 344 -16.09 -24.43 -29.01
C ILE A 344 -16.87 -23.12 -28.88
N VAL A 345 -18.04 -23.18 -28.23
CA VAL A 345 -18.93 -22.03 -28.10
C VAL A 345 -19.21 -21.75 -26.62
N ASP A 346 -18.95 -20.51 -26.19
CA ASP A 346 -19.34 -20.03 -24.87
C ASP A 346 -20.85 -19.78 -24.89
N GLY A 347 -21.62 -20.82 -24.56
CA GLY A 347 -23.09 -20.80 -24.62
C GLY A 347 -23.74 -19.61 -23.93
N ALA A 348 -23.27 -19.32 -22.72
CA ALA A 348 -23.78 -18.20 -21.93
C ALA A 348 -23.58 -16.82 -22.59
N ASN A 349 -22.48 -16.68 -23.34
CA ASN A 349 -22.16 -15.41 -24.01
C ASN A 349 -23.03 -15.14 -25.24
N ILE A 350 -23.15 -16.14 -26.11
CA ILE A 350 -23.92 -16.01 -27.37
C ILE A 350 -25.41 -15.81 -27.08
N GLY A 351 -25.93 -16.57 -26.11
CA GLY A 351 -27.33 -16.46 -25.71
C GLY A 351 -27.69 -15.15 -25.06
N LEU A 352 -26.82 -14.63 -24.20
CA LEU A 352 -27.05 -13.36 -23.50
C LEU A 352 -26.59 -12.12 -24.30
N TYR A 353 -25.94 -12.33 -25.44
CA TYR A 353 -25.49 -11.22 -26.31
C TYR A 353 -26.68 -10.39 -26.81
N GLN A 354 -26.58 -9.07 -26.63
CA GLN A 354 -27.65 -8.11 -26.95
C GLN A 354 -28.99 -8.37 -26.23
N GLN A 355 -28.92 -8.94 -25.02
CA GLN A 355 -30.09 -9.18 -24.18
C GLN A 355 -30.03 -8.28 -22.95
N ASN A 356 -31.21 -7.95 -22.41
CA ASN A 356 -31.30 -7.11 -21.22
C ASN A 356 -30.85 -7.87 -19.99
N PHE A 357 -29.81 -7.35 -19.33
CA PHE A 357 -29.41 -7.80 -17.99
C PHE A 357 -30.53 -7.72 -16.94
N VAL A 358 -31.43 -6.74 -17.09
CA VAL A 358 -32.56 -6.55 -16.17
C VAL A 358 -33.66 -7.58 -16.38
N ASP A 359 -33.99 -7.87 -17.65
CA ASP A 359 -35.08 -8.80 -18.00
C ASP A 359 -34.75 -10.26 -17.69
N GLY A 360 -33.48 -10.63 -17.86
CA GLY A 360 -33.06 -12.02 -17.80
C GLY A 360 -33.48 -12.80 -19.03
N SER A 361 -33.52 -12.13 -20.18
CA SER A 361 -33.93 -12.74 -21.43
C SER A 361 -32.76 -13.50 -22.04
N PHE A 362 -33.05 -14.65 -22.62
CA PHE A 362 -32.06 -15.53 -23.23
C PHE A 362 -32.45 -15.83 -24.68
N SER A 363 -31.45 -16.01 -25.54
CA SER A 363 -31.68 -16.16 -26.98
C SER A 363 -31.05 -17.44 -27.53
N LEU A 364 -31.85 -18.50 -27.58
CA LEU A 364 -31.45 -19.74 -28.24
C LEU A 364 -31.33 -19.56 -29.77
N SER A 365 -32.12 -18.64 -30.34
CA SER A 365 -32.08 -18.37 -31.78
C SER A 365 -30.70 -17.87 -32.27
N GLN A 366 -30.06 -17.03 -31.46
CA GLN A 366 -28.68 -16.59 -31.72
C GLN A 366 -27.70 -17.75 -31.57
N LEU A 367 -27.90 -18.56 -30.53
CA LEU A 367 -27.09 -19.76 -30.29
C LEU A 367 -27.31 -20.83 -31.37
N GLU A 368 -28.49 -20.85 -31.96
CA GLU A 368 -28.81 -21.72 -33.11
C GLU A 368 -28.07 -21.27 -34.37
N SER A 369 -28.01 -19.96 -34.61
CA SER A 369 -27.33 -19.39 -35.77
C SER A 369 -25.83 -19.64 -35.78
N VAL A 370 -25.20 -19.55 -34.61
CA VAL A 370 -23.77 -19.83 -34.44
C VAL A 370 -23.46 -21.30 -34.73
N MET A 371 -24.40 -22.18 -34.38
CA MET A 371 -24.27 -23.62 -34.66
C MET A 371 -24.25 -23.92 -36.16
N LYS A 372 -25.17 -23.31 -36.90
CA LYS A 372 -25.33 -23.59 -38.34
C LYS A 372 -24.22 -23.01 -39.21
N GLU A 373 -23.74 -21.81 -38.88
CA GLU A 373 -22.68 -21.15 -39.68
C GLU A 373 -21.30 -21.80 -39.51
N LEU A 374 -20.96 -22.19 -38.28
CA LEU A 374 -19.73 -22.94 -38.00
C LEU A 374 -19.74 -24.33 -38.65
N TYR A 375 -20.92 -24.95 -38.69
CA TYR A 375 -21.12 -26.23 -39.40
C TYR A 375 -20.92 -26.08 -40.90
N ARG A 376 -21.36 -24.96 -41.46
CA ARG A 376 -21.17 -24.66 -42.89
C ARG A 376 -19.72 -24.33 -43.21
N GLU A 377 -19.13 -23.42 -42.42
CA GLU A 377 -17.72 -23.03 -42.61
C GLU A 377 -16.72 -24.18 -42.41
N SER A 378 -17.10 -25.18 -41.63
CA SER A 378 -16.31 -26.40 -41.49
C SER A 378 -16.26 -27.15 -42.83
N GLY A 379 -15.06 -27.58 -43.21
CA GLY A 379 -14.83 -28.28 -44.48
C GLY A 379 -15.40 -29.69 -44.50
N ASN A 380 -15.07 -30.47 -43.46
CA ASN A 380 -15.62 -31.82 -43.27
C ASN A 380 -17.03 -31.86 -42.66
N ASN A 381 -17.57 -30.68 -42.31
CA ASN A 381 -18.87 -30.53 -41.65
C ASN A 381 -18.89 -31.19 -40.27
N LYS A 382 -18.27 -30.49 -39.31
CA LYS A 382 -18.27 -30.84 -37.90
C LYS A 382 -19.06 -29.78 -37.14
N TRP A 383 -20.02 -30.22 -36.32
CA TRP A 383 -20.77 -29.32 -35.44
C TRP A 383 -19.89 -28.93 -34.24
N PRO A 384 -19.95 -27.66 -33.79
CA PRO A 384 -19.18 -27.24 -32.63
C PRO A 384 -19.85 -27.66 -31.32
N LEU A 385 -19.06 -27.75 -30.25
CA LEU A 385 -19.58 -28.08 -28.92
C LEU A 385 -19.98 -26.82 -28.16
N ILE A 386 -21.26 -26.74 -27.78
CA ILE A 386 -21.76 -25.64 -26.94
C ILE A 386 -21.62 -26.06 -25.48
N LEU A 387 -21.30 -25.09 -24.62
CA LEU A 387 -21.17 -25.33 -23.19
C LEU A 387 -22.02 -24.33 -22.39
N LEU A 388 -23.16 -24.80 -21.90
CA LEU A 388 -24.08 -24.04 -21.05
C LEU A 388 -24.10 -24.62 -19.64
N HIS A 389 -24.71 -23.88 -18.73
CA HIS A 389 -24.89 -24.32 -17.34
C HIS A 389 -26.05 -25.30 -17.27
N LYS A 390 -26.14 -26.06 -16.17
CA LYS A 390 -27.27 -26.95 -15.95
C LYS A 390 -28.54 -26.15 -15.67
N ARG A 391 -28.41 -25.03 -14.94
CA ARG A 391 -29.53 -24.11 -14.71
C ARG A 391 -30.11 -23.51 -15.98
N ARG A 392 -29.27 -23.32 -17.00
CA ARG A 392 -29.68 -22.77 -18.30
C ARG A 392 -30.15 -23.82 -19.30
N VAL A 393 -29.65 -25.05 -19.19
CA VAL A 393 -30.10 -26.16 -20.05
C VAL A 393 -31.51 -26.58 -19.63
N LYS A 394 -31.69 -26.91 -18.35
CA LYS A 394 -33.03 -26.99 -17.76
C LYS A 394 -33.57 -25.55 -17.72
N THR A 395 -34.89 -25.40 -17.81
CA THR A 395 -35.57 -24.11 -18.11
C THR A 395 -35.63 -23.88 -19.63
N LEU A 396 -34.57 -24.23 -20.35
CA LEU A 396 -34.64 -24.40 -21.81
C LEU A 396 -35.32 -25.71 -22.16
N LEU A 397 -35.02 -26.77 -21.39
CA LEU A 397 -35.61 -28.10 -21.60
C LEU A 397 -37.08 -28.17 -21.19
N GLU A 398 -37.47 -27.45 -20.14
CA GLU A 398 -38.88 -27.41 -19.69
C GLU A 398 -39.73 -26.32 -20.38
N ASN A 399 -39.14 -25.62 -21.35
CA ASN A 399 -39.90 -24.84 -22.33
C ASN A 399 -40.25 -25.79 -23.48
N PRO A 400 -41.54 -26.01 -23.76
CA PRO A 400 -41.92 -26.98 -24.80
C PRO A 400 -41.56 -26.58 -26.24
N THR A 401 -41.41 -25.29 -26.50
CA THR A 401 -40.98 -24.80 -27.81
C THR A 401 -39.57 -25.25 -28.17
N HIS A 402 -38.65 -25.14 -27.20
CA HIS A 402 -37.24 -25.41 -27.41
C HIS A 402 -36.83 -26.86 -27.14
N ARG A 403 -37.51 -27.51 -26.18
CA ARG A 403 -37.13 -28.86 -25.67
C ARG A 403 -36.51 -29.81 -26.69
N ASN A 404 -37.14 -29.94 -27.86
CA ASN A 404 -36.69 -30.88 -28.89
C ASN A 404 -35.28 -30.57 -29.42
N LEU A 405 -35.05 -29.31 -29.78
CA LEU A 405 -33.76 -28.87 -30.31
C LEU A 405 -32.63 -28.99 -29.27
N VAL A 406 -32.93 -28.71 -28.01
CA VAL A 406 -31.93 -28.83 -26.93
C VAL A 406 -31.63 -30.31 -26.64
N GLU A 407 -32.69 -31.13 -26.56
CA GLU A 407 -32.53 -32.58 -26.39
C GLU A 407 -31.74 -33.21 -27.55
N GLU A 408 -32.00 -32.72 -28.77
CA GLU A 408 -31.25 -33.19 -29.96
C GLU A 408 -29.75 -32.96 -29.79
N TRP A 409 -29.36 -31.77 -29.35
CA TRP A 409 -27.95 -31.43 -29.18
C TRP A 409 -27.26 -32.23 -28.07
N ILE A 410 -28.00 -32.57 -27.01
CA ILE A 410 -27.47 -33.40 -25.92
C ILE A 410 -27.27 -34.84 -26.39
N SER A 411 -28.22 -35.36 -27.17
CA SER A 411 -28.14 -36.72 -27.74
C SER A 411 -26.97 -36.87 -28.71
N ASN A 412 -26.86 -35.93 -29.65
CA ASN A 412 -25.79 -35.94 -30.66
C ASN A 412 -24.38 -35.65 -30.11
N GLY A 413 -24.29 -35.15 -28.88
CA GLY A 413 -23.01 -34.86 -28.24
C GLY A 413 -22.40 -33.57 -28.74
N VAL A 414 -23.25 -32.59 -29.04
CA VAL A 414 -22.82 -31.26 -29.49
C VAL A 414 -23.20 -30.15 -28.50
N LEU A 415 -23.71 -30.55 -27.32
CA LEU A 415 -23.96 -29.64 -26.21
C LEU A 415 -23.66 -30.37 -24.91
N TYR A 416 -22.91 -29.72 -24.01
CA TYR A 416 -22.53 -30.29 -22.72
C TYR A 416 -22.99 -29.35 -21.62
N ALA A 417 -23.71 -29.89 -20.63
CA ALA A 417 -24.15 -29.11 -19.47
C ALA A 417 -23.04 -29.08 -18.43
N THR A 418 -22.57 -27.87 -18.11
CA THR A 418 -21.56 -27.68 -17.06
C THR A 418 -22.29 -27.63 -15.70
N PRO A 419 -21.79 -28.36 -14.69
CA PRO A 419 -22.51 -28.48 -13.41
C PRO A 419 -22.45 -27.20 -12.55
N PRO A 420 -23.41 -27.04 -11.61
CA PRO A 420 -23.51 -25.81 -10.83
C PRO A 420 -22.38 -25.65 -9.80
N GLY A 421 -22.34 -24.49 -9.15
CA GLY A 421 -21.28 -24.16 -8.19
C GLY A 421 -20.05 -23.61 -8.90
N SER A 422 -19.33 -24.49 -9.59
CA SER A 422 -18.16 -24.09 -10.38
C SER A 422 -18.55 -23.35 -11.66
N ASN A 423 -17.62 -22.55 -12.17
CA ASN A 423 -17.86 -21.71 -13.34
C ASN A 423 -17.76 -22.50 -14.64
N ASP A 424 -18.57 -22.10 -15.63
CA ASP A 424 -18.45 -22.63 -17.00
C ASP A 424 -17.17 -22.13 -17.70
N ASP A 425 -16.63 -21.01 -17.24
CA ASP A 425 -15.40 -20.40 -17.76
C ASP A 425 -14.27 -21.38 -18.09
N TRP A 426 -13.99 -22.29 -17.15
CA TRP A 426 -12.85 -23.20 -17.26
C TRP A 426 -13.10 -24.37 -18.22
N TYR A 427 -14.36 -24.66 -18.52
CA TYR A 427 -14.71 -25.80 -19.37
C TYR A 427 -14.43 -25.55 -20.86
N TRP A 428 -14.82 -24.37 -21.36
CA TRP A 428 -14.59 -24.02 -22.78
C TRP A 428 -13.18 -23.49 -23.08
N LEU A 429 -12.49 -22.98 -22.06
CA LEU A 429 -11.04 -22.74 -22.15
C LEU A 429 -10.31 -24.05 -22.35
N TYR A 430 -10.61 -25.02 -21.48
CA TYR A 430 -10.01 -26.37 -21.57
C TYR A 430 -10.32 -27.07 -22.88
N ALA A 431 -11.59 -27.00 -23.30
CA ALA A 431 -12.06 -27.66 -24.52
C ALA A 431 -11.33 -27.16 -25.78
N ALA A 432 -11.21 -25.84 -25.90
CA ALA A 432 -10.52 -25.22 -27.03
C ALA A 432 -9.00 -25.38 -26.94
N ALA A 433 -8.45 -25.16 -25.75
CA ALA A 433 -7.00 -25.18 -25.53
C ALA A 433 -6.38 -26.57 -25.70
N LYS A 434 -6.99 -27.58 -25.06
CA LYS A 434 -6.47 -28.95 -25.09
C LYS A 434 -6.60 -29.57 -26.49
N LEU A 435 -7.76 -29.38 -27.11
CA LEU A 435 -7.99 -29.86 -28.48
C LEU A 435 -7.32 -28.95 -29.53
N LYS A 436 -6.94 -27.73 -29.15
CA LYS A 436 -6.28 -26.74 -30.01
C LYS A 436 -7.17 -26.39 -31.21
N CYS A 437 -8.25 -25.66 -30.91
CA CYS A 437 -9.25 -25.29 -31.91
C CYS A 437 -9.87 -23.92 -31.54
N LEU A 438 -10.88 -23.51 -32.31
CA LEU A 438 -11.49 -22.18 -32.14
C LEU A 438 -12.35 -22.08 -30.88
N LEU A 439 -12.40 -20.88 -30.32
CA LEU A 439 -13.27 -20.57 -29.17
C LEU A 439 -14.11 -19.34 -29.52
N VAL A 440 -15.42 -19.54 -29.65
CA VAL A 440 -16.33 -18.46 -30.05
C VAL A 440 -16.89 -17.75 -28.83
N THR A 441 -16.46 -16.50 -28.64
CA THR A 441 -16.98 -15.64 -27.56
C THR A 441 -16.57 -14.18 -27.77
N ASN A 442 -17.46 -13.26 -27.42
CA ASN A 442 -17.14 -11.82 -27.33
C ASN A 442 -16.85 -11.47 -25.88
N ASP A 443 -15.63 -11.77 -25.44
CA ASP A 443 -15.24 -11.57 -24.04
C ASP A 443 -13.71 -11.59 -23.90
N GLU A 444 -13.10 -10.40 -23.96
CA GLU A 444 -11.69 -10.24 -23.63
C GLU A 444 -11.55 -10.39 -22.11
N MET A 445 -10.98 -11.52 -21.69
CA MET A 445 -10.98 -11.90 -20.28
C MET A 445 -9.97 -11.08 -19.49
N ARG A 446 -10.46 -10.02 -18.85
CA ARG A 446 -9.65 -9.10 -18.07
C ARG A 446 -10.10 -9.10 -16.60
N ASP A 447 -9.37 -9.83 -15.76
CA ASP A 447 -9.70 -9.96 -14.33
C ASP A 447 -8.51 -10.49 -13.53
N HIS A 448 -8.58 -10.36 -12.20
CA HIS A 448 -7.55 -10.85 -11.29
C HIS A 448 -7.90 -12.20 -10.61
N ILE A 449 -8.97 -12.86 -11.07
CA ILE A 449 -9.35 -14.18 -10.59
C ILE A 449 -8.64 -15.19 -11.49
N PHE A 450 -8.78 -14.99 -12.80
CA PHE A 450 -7.94 -15.63 -13.80
C PHE A 450 -6.73 -14.70 -14.03
N GLU A 451 -5.87 -14.63 -13.00
CA GLU A 451 -4.61 -13.86 -13.03
C GLU A 451 -3.42 -14.75 -13.39
N LEU A 452 -3.52 -16.03 -13.07
CA LEU A 452 -2.55 -17.05 -13.55
C LEU A 452 -2.51 -17.18 -15.08
N LEU A 453 -3.43 -16.52 -15.79
CA LEU A 453 -3.26 -16.29 -17.23
C LEU A 453 -1.92 -15.60 -17.48
N GLY A 454 -1.05 -16.26 -18.24
CA GLY A 454 0.20 -15.65 -18.68
C GLY A 454 -0.12 -14.67 -19.78
N SER A 455 -0.21 -13.38 -19.44
CA SER A 455 -0.56 -12.34 -20.41
C SER A 455 0.39 -12.23 -21.61
N THR A 456 1.62 -12.76 -21.46
CA THR A 456 2.51 -12.99 -22.61
C THR A 456 1.99 -14.11 -23.54
N PHE A 457 1.51 -15.22 -22.95
CA PHE A 457 0.96 -16.36 -23.71
C PHE A 457 -0.48 -16.13 -24.16
N PHE A 458 -1.29 -15.57 -23.27
CA PHE A 458 -2.64 -15.11 -23.60
C PHE A 458 -2.51 -13.85 -24.46
N GLN A 459 -3.61 -13.42 -25.08
CA GLN A 459 -3.60 -12.44 -26.19
C GLN A 459 -2.95 -13.06 -27.42
N LYS A 460 -1.69 -13.49 -27.30
CA LYS A 460 -1.02 -14.31 -28.30
C LYS A 460 -1.76 -15.63 -28.59
N TRP A 461 -2.42 -16.17 -27.57
CA TRP A 461 -3.32 -17.32 -27.76
C TRP A 461 -4.67 -16.89 -28.36
N LYS A 462 -5.24 -15.81 -27.82
CA LYS A 462 -6.54 -15.30 -28.29
C LYS A 462 -6.54 -14.83 -29.75
N GLU A 463 -5.46 -14.20 -30.19
CA GLU A 463 -5.31 -13.77 -31.58
C GLU A 463 -5.30 -14.94 -32.57
N ARG A 464 -4.77 -16.09 -32.13
CA ARG A 464 -4.75 -17.31 -32.94
C ARG A 464 -6.06 -18.11 -32.85
N HIS A 465 -6.65 -18.18 -31.66
CA HIS A 465 -7.77 -19.10 -31.39
C HIS A 465 -9.16 -18.48 -31.18
N GLN A 466 -9.24 -17.30 -30.55
CA GLN A 466 -10.54 -16.69 -30.24
C GLN A 466 -11.25 -16.20 -31.50
N VAL A 467 -12.55 -16.48 -31.56
CA VAL A 467 -13.44 -16.02 -32.64
C VAL A 467 -14.45 -15.06 -32.01
N ARG A 468 -14.38 -13.79 -32.42
CA ARG A 468 -15.40 -12.81 -32.06
C ARG A 468 -16.56 -12.91 -33.06
N TYR A 469 -17.64 -12.18 -32.79
CA TYR A 469 -18.83 -12.21 -33.65
C TYR A 469 -19.68 -10.95 -33.49
N THR A 470 -20.72 -10.85 -34.32
CA THR A 470 -21.67 -9.74 -34.24
C THR A 470 -23.01 -10.06 -34.91
N PHE A 471 -24.10 -9.57 -34.30
CA PHE A 471 -25.46 -9.71 -34.83
C PHE A 471 -26.00 -8.34 -35.23
N VAL A 472 -25.81 -7.98 -36.49
CA VAL A 472 -26.33 -6.73 -37.04
C VAL A 472 -27.81 -6.92 -37.36
N LYS A 473 -28.67 -6.51 -36.42
CA LYS A 473 -30.13 -6.61 -36.53
C LYS A 473 -30.62 -8.08 -36.58
N GLY A 474 -30.44 -8.74 -37.72
CA GLY A 474 -30.90 -10.11 -37.92
C GLY A 474 -29.77 -11.12 -38.09
N ASN A 475 -28.91 -10.87 -39.07
CA ASN A 475 -27.89 -11.84 -39.49
C ASN A 475 -26.65 -11.85 -38.60
N LEU A 476 -25.96 -13.01 -38.61
CA LEU A 476 -24.73 -13.23 -37.83
C LEU A 476 -23.50 -13.04 -38.72
N LYS A 477 -22.44 -12.46 -38.14
CA LYS A 477 -21.16 -12.30 -38.83
C LYS A 477 -20.00 -12.69 -37.92
N LEU A 478 -19.41 -13.86 -38.18
CA LEU A 478 -18.25 -14.35 -37.42
C LEU A 478 -16.98 -13.64 -37.86
N GLU A 479 -16.28 -13.05 -36.90
CA GLU A 479 -14.97 -12.43 -37.12
C GLU A 479 -13.88 -13.44 -36.77
N MET A 480 -13.39 -14.14 -37.79
CA MET A 480 -12.40 -15.22 -37.61
C MET A 480 -11.04 -14.65 -37.19
N PRO A 481 -10.15 -15.50 -36.63
CA PRO A 481 -8.81 -15.01 -36.33
C PRO A 481 -8.00 -14.87 -37.61
N SER A 482 -7.05 -13.93 -37.61
CA SER A 482 -6.33 -13.53 -38.83
C SER A 482 -5.51 -14.68 -39.41
N PRO A 483 -5.42 -14.80 -40.76
CA PRO A 483 -4.67 -15.90 -41.38
C PRO A 483 -3.13 -15.80 -41.32
N PHE A 484 -2.60 -14.75 -40.69
CA PHE A 484 -1.17 -14.60 -40.43
C PHE A 484 -0.96 -13.99 -39.05
N SER A 485 0.12 -14.38 -38.37
CA SER A 485 0.44 -13.87 -37.04
C SER A 485 1.41 -12.69 -37.15
N VAL A 486 1.30 -11.74 -36.22
CA VAL A 486 2.14 -10.54 -36.20
C VAL A 486 3.38 -10.77 -35.31
N VAL A 487 4.30 -11.58 -35.84
CA VAL A 487 5.54 -11.95 -35.15
C VAL A 487 6.68 -11.98 -36.17
N ILE A 488 7.92 -11.88 -35.69
CA ILE A 488 9.11 -12.08 -36.55
C ILE A 488 9.12 -13.50 -37.10
N GLN A 489 9.63 -13.67 -38.33
CA GLN A 489 9.60 -14.98 -38.98
C GLN A 489 10.58 -15.10 -40.15
N GLU A 490 11.08 -16.32 -40.34
CA GLU A 490 11.97 -16.68 -41.45
C GLU A 490 11.19 -17.44 -42.52
N SER A 491 11.44 -17.08 -43.78
CA SER A 491 11.00 -17.88 -44.91
C SER A 491 12.03 -18.99 -45.15
N GLU A 492 11.67 -19.94 -46.01
CA GLU A 492 12.59 -21.01 -46.42
C GLU A 492 13.80 -20.49 -47.22
N LYS A 493 13.62 -19.35 -47.90
CA LYS A 493 14.68 -18.71 -48.67
C LYS A 493 15.53 -17.73 -47.85
N GLY A 494 15.48 -17.82 -46.51
CA GLY A 494 16.19 -16.90 -45.63
C GLY A 494 15.64 -15.48 -45.57
N SER A 495 14.42 -15.27 -46.08
CA SER A 495 13.78 -13.96 -46.11
C SER A 495 13.12 -13.67 -44.77
N TRP A 496 13.55 -12.59 -44.12
CA TRP A 496 13.00 -12.18 -42.82
C TRP A 496 11.88 -11.15 -42.99
N HIS A 497 11.06 -11.04 -41.94
CA HIS A 497 10.03 -10.01 -41.85
C HIS A 497 9.93 -9.55 -40.39
N PHE A 498 10.00 -8.24 -40.18
CA PHE A 498 9.97 -7.66 -38.84
C PHE A 498 8.81 -6.66 -38.74
N PRO A 499 7.84 -6.91 -37.84
CA PRO A 499 6.78 -5.94 -37.60
C PRO A 499 7.22 -4.92 -36.55
N VAL A 500 7.01 -3.63 -36.83
CA VAL A 500 7.31 -2.56 -35.86
C VAL A 500 6.07 -2.27 -35.01
N SER A 501 6.23 -2.17 -33.70
CA SER A 501 5.10 -2.04 -32.77
C SER A 501 4.39 -0.70 -32.93
N CYS A 502 3.22 -0.72 -33.56
CA CYS A 502 2.38 0.47 -33.71
C CYS A 502 1.64 0.75 -32.38
N GLU A 503 2.38 1.36 -31.45
CA GLU A 503 1.93 1.56 -30.07
C GLU A 503 0.65 2.38 -29.91
N ASN A 504 0.45 3.38 -30.77
CA ASN A 504 -0.73 4.26 -30.70
C ASN A 504 -2.02 3.57 -31.19
N ASN A 505 -2.10 3.33 -32.50
CA ASN A 505 -3.29 2.71 -33.12
C ASN A 505 -2.88 1.58 -34.08
N GLU A 506 -2.63 0.40 -33.52
CA GLU A 506 -2.28 -0.79 -34.31
C GLU A 506 -3.47 -1.26 -35.16
N GLU A 507 -3.26 -1.38 -36.47
CA GLU A 507 -4.32 -1.71 -37.43
C GLU A 507 -3.69 -2.48 -38.62
N SER A 508 -4.42 -2.62 -39.72
CA SER A 508 -3.88 -3.19 -40.96
C SER A 508 -2.81 -2.32 -41.64
N SER A 509 -2.79 -1.02 -41.32
CA SER A 509 -1.79 -0.08 -41.84
C SER A 509 -0.46 -0.03 -41.05
N ARG A 510 -0.13 -1.09 -40.31
CA ARG A 510 1.17 -1.23 -39.67
C ARG A 510 2.25 -1.52 -40.71
N THR A 511 3.40 -0.86 -40.56
CA THR A 511 4.54 -1.05 -41.46
C THR A 511 5.38 -2.25 -41.01
N TRP A 512 5.67 -3.13 -41.97
CA TRP A 512 6.58 -4.27 -41.76
C TRP A 512 7.89 -3.99 -42.49
N MET A 513 9.01 -4.36 -41.87
CA MET A 513 10.33 -4.16 -42.46
C MET A 513 10.79 -5.46 -43.13
N CYS A 514 10.61 -5.53 -44.45
CA CYS A 514 10.89 -6.72 -45.24
C CYS A 514 12.36 -6.79 -45.64
N ILE A 515 12.97 -7.95 -45.42
CA ILE A 515 14.38 -8.20 -45.75
C ILE A 515 14.47 -9.52 -46.51
N SER A 516 14.91 -9.45 -47.77
CA SER A 516 15.07 -10.63 -48.63
C SER A 516 16.33 -10.53 -49.47
N ARG A 517 16.77 -11.67 -50.00
CA ARG A 517 18.08 -11.79 -50.65
C ARG A 517 18.04 -11.57 -52.17
N GLN A 518 17.07 -12.20 -52.83
CA GLN A 518 16.98 -12.27 -54.30
C GLN A 518 18.17 -13.04 -54.90
N SER A 519 17.98 -14.35 -55.06
CA SER A 519 19.02 -15.25 -55.56
C SER A 519 18.44 -16.30 -56.53
N ARG B 30 30.26 -7.04 51.47
CA ARG B 30 30.61 -7.51 52.84
C ARG B 30 30.26 -6.53 53.97
N ASN B 31 29.80 -5.32 53.61
CA ASN B 31 29.33 -4.33 54.59
C ASN B 31 27.90 -4.67 55.05
N PRO B 32 27.48 -4.18 56.23
CA PRO B 32 26.08 -4.37 56.65
C PRO B 32 25.07 -3.54 55.83
N GLU B 33 25.47 -2.34 55.40
CA GLU B 33 24.58 -1.47 54.61
C GLU B 33 24.38 -1.97 53.17
N THR B 34 25.45 -2.41 52.53
CA THR B 34 25.39 -2.90 51.15
C THR B 34 24.69 -4.26 51.01
N ASN B 35 24.88 -5.15 52.00
CA ASN B 35 24.24 -6.48 52.00
C ASN B 35 22.72 -6.43 52.07
N LEU B 36 22.18 -5.53 52.89
CA LEU B 36 20.73 -5.35 53.03
C LEU B 36 20.10 -4.90 51.70
N LEU B 37 20.75 -3.95 51.02
CA LEU B 37 20.26 -3.43 49.74
C LEU B 37 20.26 -4.51 48.66
N PHE B 38 21.33 -5.30 48.59
CA PHE B 38 21.46 -6.39 47.62
C PHE B 38 20.45 -7.52 47.85
N ASN B 39 20.30 -7.93 49.12
CA ASN B 39 19.34 -9.00 49.47
C ASN B 39 17.87 -8.58 49.35
N LEU B 40 17.57 -7.33 49.68
CA LEU B 40 16.22 -6.77 49.44
C LEU B 40 15.86 -6.69 47.94
N ASN B 41 16.86 -6.50 47.09
CA ASN B 41 16.67 -6.58 45.63
C ASN B 41 16.42 -8.00 45.14
N SER B 42 17.18 -8.96 45.67
CA SER B 42 16.95 -10.39 45.37
C SER B 42 15.60 -10.89 45.90
N CYS B 43 15.09 -10.25 46.96
CA CYS B 43 13.70 -10.47 47.40
C CYS B 43 12.69 -9.92 46.39
N SER B 44 12.93 -8.71 45.90
CA SER B 44 12.06 -8.07 44.90
C SER B 44 12.02 -8.79 43.55
N LYS B 45 13.10 -9.47 43.18
CA LYS B 45 13.14 -10.29 41.96
C LYS B 45 12.25 -11.54 42.02
N SER B 46 11.96 -12.04 43.23
CA SER B 46 11.08 -13.20 43.44
C SER B 46 9.72 -12.84 44.06
N LYS B 47 9.49 -11.54 44.30
CA LYS B 47 8.34 -11.05 45.06
C LYS B 47 8.22 -11.73 46.44
N ASP B 48 9.36 -12.03 47.06
CA ASP B 48 9.41 -12.68 48.37
C ASP B 48 9.36 -11.60 49.44
N LEU B 49 8.15 -11.17 49.76
CA LEU B 49 7.92 -10.17 50.80
C LEU B 49 8.32 -10.72 52.17
N SER B 50 7.90 -11.95 52.45
CA SER B 50 8.21 -12.65 53.70
C SER B 50 9.70 -12.58 54.10
N ALA B 51 10.58 -12.83 53.13
CA ALA B 51 12.03 -12.80 53.35
C ALA B 51 12.56 -11.37 53.56
N ALA B 52 12.11 -10.44 52.72
CA ALA B 52 12.47 -9.02 52.84
C ALA B 52 12.03 -8.43 54.18
N LEU B 53 10.82 -8.80 54.61
CA LEU B 53 10.25 -8.33 55.88
C LEU B 53 10.95 -8.97 57.09
N ALA B 54 11.51 -10.16 56.89
CA ALA B 54 12.38 -10.80 57.90
C ALA B 54 13.74 -10.12 58.03
N LEU B 55 14.32 -9.74 56.89
CA LEU B 55 15.58 -8.97 56.86
C LEU B 55 15.41 -7.57 57.46
N TYR B 56 14.22 -6.99 57.29
CA TYR B 56 13.86 -5.71 57.90
C TYR B 56 13.84 -5.77 59.44
N ASP B 57 13.41 -6.90 60.00
CA ASP B 57 13.45 -7.13 61.45
C ASP B 57 14.89 -7.23 61.97
N ALA B 58 15.72 -7.98 61.25
CA ALA B 58 17.14 -8.15 61.61
C ALA B 58 17.96 -6.86 61.52
N ALA B 59 17.52 -5.92 60.68
CA ALA B 59 18.16 -4.61 60.55
C ALA B 59 17.88 -3.69 61.75
N ILE B 60 16.63 -3.67 62.20
CA ILE B 60 16.21 -2.76 63.28
C ILE B 60 16.69 -3.25 64.65
N THR B 61 16.55 -4.54 64.91
CA THR B 61 16.91 -5.13 66.22
C THR B 61 18.41 -5.11 66.51
N SER B 62 19.24 -5.28 65.48
CA SER B 62 20.70 -5.22 65.64
C SER B 62 21.24 -3.81 65.85
N SER B 63 20.64 -2.83 65.16
CA SER B 63 21.05 -1.40 65.19
C SER B 63 22.46 -1.14 64.65
N GLU B 64 22.97 -2.04 63.81
CA GLU B 64 24.29 -1.90 63.17
C GLU B 64 24.21 -1.39 61.72
N VAL B 65 23.02 -1.45 61.12
CA VAL B 65 22.79 -0.99 59.75
C VAL B 65 22.13 0.39 59.83
N ARG B 66 22.68 1.35 59.09
CA ARG B 66 22.23 2.75 59.16
C ARG B 66 20.83 2.97 58.56
N LEU B 67 20.48 2.20 57.53
CA LEU B 67 19.27 2.38 56.71
C LEU B 67 19.35 3.65 55.86
N SER B 68 18.65 3.62 54.73
CA SER B 68 18.73 4.71 53.74
C SER B 68 17.45 4.78 52.91
N GLN B 69 17.42 5.76 52.01
CA GLN B 69 16.30 5.97 51.09
C GLN B 69 16.01 4.74 50.21
N GLN B 70 17.06 4.01 49.83
CA GLN B 70 16.90 2.78 49.02
C GLN B 70 16.21 1.65 49.80
N HIS B 71 16.60 1.44 51.06
CA HIS B 71 16.09 0.33 51.86
C HIS B 71 14.59 0.43 52.14
N PHE B 72 14.13 1.63 52.52
CA PHE B 72 12.70 1.90 52.75
C PHE B 72 11.88 1.82 51.46
N GLN B 73 12.44 2.35 50.37
CA GLN B 73 11.81 2.30 49.04
C GLN B 73 11.66 0.88 48.50
N THR B 74 12.75 0.10 48.57
CA THR B 74 12.74 -1.28 48.09
C THR B 74 11.66 -2.13 48.78
N LEU B 75 11.49 -1.92 50.09
CA LEU B 75 10.43 -2.60 50.85
C LEU B 75 9.03 -2.11 50.48
N LEU B 76 8.85 -0.79 50.41
CA LEU B 76 7.54 -0.19 50.11
C LEU B 76 7.01 -0.55 48.72
N TYR B 77 7.90 -0.64 47.72
CA TYR B 77 7.51 -1.10 46.38
C TYR B 77 7.10 -2.57 46.40
N LEU B 78 7.81 -3.37 47.20
CA LEU B 78 7.52 -4.80 47.35
C LEU B 78 6.19 -5.05 48.08
N CYS B 79 5.87 -4.20 49.06
CA CYS B 79 4.56 -4.24 49.74
C CYS B 79 3.41 -3.92 48.76
N SER B 80 3.62 -2.90 47.93
CA SER B 80 2.66 -2.53 46.89
C SER B 80 2.55 -3.58 45.79
N ALA B 81 3.69 -4.17 45.42
CA ALA B 81 3.74 -5.28 44.46
C ALA B 81 2.98 -6.52 44.92
N SER B 82 2.93 -6.71 46.24
CA SER B 82 2.29 -7.87 46.86
C SER B 82 0.79 -7.72 47.16
N ILE B 83 0.13 -6.66 46.68
CA ILE B 83 -1.30 -6.45 46.95
C ILE B 83 -2.16 -7.43 46.15
N THR B 84 -1.79 -7.66 44.88
CA THR B 84 -2.48 -8.63 44.03
C THR B 84 -2.29 -10.08 44.51
N ASP B 85 -1.06 -10.39 44.94
CA ASP B 85 -0.71 -11.73 45.43
C ASP B 85 -1.26 -11.96 46.84
N ILE B 86 -2.32 -12.76 46.95
CA ILE B 86 -2.80 -13.24 48.26
C ILE B 86 -1.73 -14.08 48.95
N SER B 87 -1.80 -14.18 50.27
CA SER B 87 -0.74 -14.74 51.14
C SER B 87 0.29 -13.68 51.56
N LEU B 88 0.59 -12.74 50.66
CA LEU B 88 1.47 -11.61 50.96
C LEU B 88 0.70 -10.29 51.18
N GLN B 89 -0.59 -10.24 50.81
CA GLN B 89 -1.37 -9.00 50.89
C GLN B 89 -1.62 -8.56 52.33
N TYR B 90 -2.17 -9.46 53.14
CA TYR B 90 -2.44 -9.17 54.55
C TYR B 90 -1.15 -8.81 55.31
N LEU B 91 -0.04 -9.40 54.90
CA LEU B 91 1.29 -9.12 55.46
C LEU B 91 1.76 -7.70 55.06
N ALA B 92 1.58 -7.36 53.79
CA ALA B 92 1.92 -6.03 53.29
C ALA B 92 1.08 -4.95 53.94
N ILE B 93 -0.25 -5.17 53.99
CA ILE B 93 -1.19 -4.21 54.58
C ILE B 93 -0.91 -3.95 56.07
N ASP B 94 -0.55 -4.99 56.80
CA ASP B 94 -0.27 -4.87 58.23
C ASP B 94 1.03 -4.11 58.50
N ARG B 95 2.11 -4.53 57.82
CA ARG B 95 3.46 -4.03 58.09
C ARG B 95 3.97 -2.92 57.16
N GLY B 96 3.21 -2.55 56.13
CA GLY B 96 3.65 -1.58 55.14
C GLY B 96 3.74 -0.14 55.62
N PHE B 97 2.79 0.28 56.45
CA PHE B 97 2.70 1.67 56.91
C PHE B 97 3.80 2.04 57.91
N GLU B 98 4.21 1.09 58.73
CA GLU B 98 5.30 1.28 59.70
C GLU B 98 6.63 1.57 59.00
N ILE B 99 6.88 0.89 57.87
CA ILE B 99 8.08 1.11 57.05
C ILE B 99 8.09 2.55 56.52
N PHE B 100 6.92 3.00 56.04
CA PHE B 100 6.74 4.37 55.54
C PHE B 100 6.86 5.42 56.64
N ASP B 101 6.33 5.11 57.82
CA ASP B 101 6.44 6.02 58.99
C ASP B 101 7.87 6.10 59.54
N ARG B 102 8.60 4.98 59.49
CA ARG B 102 10.02 4.97 59.86
C ARG B 102 10.90 5.72 58.86
N MET B 103 10.52 5.67 57.58
CA MET B 103 11.24 6.40 56.52
C MET B 103 11.17 7.92 56.71
N VAL B 104 9.97 8.42 57.02
CA VAL B 104 9.74 9.86 57.16
C VAL B 104 10.38 10.43 58.43
N SER B 105 10.16 9.76 59.56
CA SER B 105 10.72 10.20 60.85
C SER B 105 12.24 10.09 60.94
N SER B 106 12.84 9.20 60.15
CA SER B 106 14.30 9.13 60.00
C SER B 106 14.90 10.36 59.31
N GLY B 107 14.09 11.08 58.55
CA GLY B 107 14.51 12.31 57.85
C GLY B 107 14.33 12.23 56.35
N ILE B 108 14.28 11.01 55.80
CA ILE B 108 14.17 10.78 54.36
C ILE B 108 12.76 11.15 53.87
N SER B 109 12.68 12.17 53.02
CA SER B 109 11.40 12.65 52.49
C SER B 109 10.85 11.64 51.47
N PRO B 110 9.53 11.37 51.51
CA PRO B 110 8.97 10.32 50.65
C PRO B 110 8.84 10.78 49.19
N ASN B 111 9.37 9.98 48.27
CA ASN B 111 9.26 10.24 46.82
C ASN B 111 7.89 9.81 46.27
N GLU B 112 7.65 10.09 44.99
CA GLU B 112 6.37 9.82 44.32
C GLU B 112 5.95 8.35 44.35
N ALA B 113 6.91 7.45 44.08
CA ALA B 113 6.62 6.01 44.02
C ALA B 113 6.23 5.40 45.36
N SER B 114 6.88 5.86 46.44
CA SER B 114 6.56 5.39 47.80
C SER B 114 5.21 5.89 48.28
N VAL B 115 4.90 7.16 48.00
CA VAL B 115 3.61 7.75 48.34
C VAL B 115 2.49 7.02 47.61
N THR B 116 2.74 6.65 46.35
CA THR B 116 1.83 5.82 45.57
C THR B 116 1.70 4.44 46.23
N SER B 117 2.84 3.82 46.54
CA SER B 117 2.87 2.49 47.13
C SER B 117 2.04 2.39 48.41
N VAL B 118 2.26 3.31 49.34
CA VAL B 118 1.54 3.33 50.62
C VAL B 118 0.06 3.75 50.45
N ALA B 119 -0.25 4.51 49.40
CA ALA B 119 -1.63 4.84 49.04
C ALA B 119 -2.39 3.63 48.49
N ARG B 120 -1.72 2.80 47.69
CA ARG B 120 -2.30 1.54 47.20
C ARG B 120 -2.69 0.60 48.36
N LEU B 121 -1.81 0.51 49.36
CA LEU B 121 -2.09 -0.28 50.57
C LEU B 121 -3.29 0.27 51.36
N ALA B 122 -3.40 1.59 51.43
CA ALA B 122 -4.52 2.24 52.11
C ALA B 122 -5.84 1.97 51.40
N ALA B 123 -5.83 2.09 50.08
CA ALA B 123 -6.99 1.74 49.25
C ALA B 123 -7.32 0.25 49.32
N ALA B 124 -6.27 -0.58 49.45
CA ALA B 124 -6.43 -2.03 49.55
C ALA B 124 -7.15 -2.52 50.81
N LYS B 125 -7.16 -1.72 51.88
CA LYS B 125 -7.99 -1.97 53.06
C LYS B 125 -9.12 -0.95 53.24
N GLY B 126 -9.64 -0.44 52.11
CA GLY B 126 -10.76 0.48 52.11
C GLY B 126 -10.57 1.84 52.77
N ASN B 127 -9.32 2.27 52.95
CA ASN B 127 -9.00 3.55 53.58
C ASN B 127 -8.66 4.59 52.51
N GLY B 128 -9.71 5.25 52.00
CA GLY B 128 -9.56 6.31 51.00
C GLY B 128 -8.97 7.58 51.57
N ASP B 129 -9.34 7.91 52.80
CA ASP B 129 -8.92 9.17 53.43
C ASP B 129 -7.42 9.22 53.77
N TYR B 130 -6.82 8.09 54.14
CA TYR B 130 -5.35 8.01 54.24
C TYR B 130 -4.73 8.09 52.84
N ALA B 131 -5.34 7.37 51.90
CA ALA B 131 -4.88 7.37 50.50
C ALA B 131 -4.95 8.75 49.84
N PHE B 132 -5.89 9.58 50.29
CA PHE B 132 -6.02 10.96 49.82
C PHE B 132 -4.97 11.85 50.50
N LYS B 133 -4.98 11.88 51.85
CA LYS B 133 -4.15 12.80 52.62
C LYS B 133 -2.64 12.61 52.45
N VAL B 134 -2.21 11.36 52.26
CA VAL B 134 -0.79 11.06 51.99
C VAL B 134 -0.30 11.70 50.67
N VAL B 135 -1.20 11.84 49.70
CA VAL B 135 -0.89 12.54 48.44
C VAL B 135 -1.00 14.06 48.62
N LYS B 136 -1.98 14.51 49.40
CA LYS B 136 -2.12 15.94 49.74
C LYS B 136 -0.87 16.48 50.45
N GLU B 137 -0.39 15.75 51.45
CA GLU B 137 0.82 16.11 52.20
C GLU B 137 2.09 16.05 51.33
N PHE B 138 2.12 15.11 50.39
CA PHE B 138 3.23 14.96 49.44
C PHE B 138 3.35 16.15 48.49
N VAL B 139 2.26 16.42 47.77
CA VAL B 139 2.20 17.55 46.82
C VAL B 139 2.23 18.93 47.52
N SER B 140 1.83 18.97 48.80
CA SER B 140 1.95 20.20 49.61
C SER B 140 3.39 20.67 49.84
N VAL B 141 4.37 19.79 49.63
CA VAL B 141 5.79 20.18 49.61
C VAL B 141 6.04 21.03 48.35
N GLY B 142 5.71 20.47 47.19
CA GLY B 142 5.74 21.20 45.91
C GLY B 142 7.12 21.62 45.41
N GLY B 143 8.13 20.82 45.72
CA GLY B 143 9.51 21.09 45.29
C GLY B 143 9.86 20.23 44.09
N VAL B 144 10.41 19.05 44.36
CA VAL B 144 10.65 18.02 43.34
C VAL B 144 9.75 16.79 43.64
N SER B 145 8.53 17.06 44.08
CA SER B 145 7.55 16.01 44.39
C SER B 145 7.05 15.40 43.08
N ILE B 146 6.32 16.20 42.30
CA ILE B 146 5.83 15.81 40.97
C ILE B 146 4.87 14.60 41.09
N PRO B 147 3.61 14.85 41.52
CA PRO B 147 2.65 13.75 41.62
C PRO B 147 2.15 13.32 40.24
N ARG B 148 1.72 12.07 40.13
CA ARG B 148 1.24 11.49 38.87
C ARG B 148 -0.20 11.03 38.99
N LEU B 149 -0.78 10.63 37.86
CA LEU B 149 -2.12 10.01 37.81
C LEU B 149 -2.23 8.80 38.74
N ARG B 150 -1.20 7.97 38.75
CA ARG B 150 -1.16 6.75 39.58
C ARG B 150 -1.09 7.01 41.09
N THR B 151 -0.70 8.22 41.49
CA THR B 151 -0.64 8.63 42.91
C THR B 151 -2.03 8.92 43.45
N TYR B 152 -2.80 9.72 42.72
CA TYR B 152 -4.17 10.07 43.10
C TYR B 152 -5.18 8.92 42.89
N ALA B 153 -4.92 8.06 41.91
CA ALA B 153 -5.88 7.01 41.50
C ALA B 153 -6.35 6.03 42.61
N PRO B 154 -5.43 5.56 43.48
CA PRO B 154 -5.82 4.76 44.65
C PRO B 154 -6.90 5.39 45.53
N ALA B 155 -6.82 6.70 45.74
CA ALA B 155 -7.84 7.44 46.47
C ALA B 155 -9.15 7.50 45.68
N LEU B 156 -9.05 7.94 44.42
CA LEU B 156 -10.22 8.13 43.55
C LEU B 156 -11.05 6.86 43.40
N LEU B 157 -10.38 5.76 43.07
CA LEU B 157 -11.04 4.47 42.87
C LEU B 157 -11.66 3.92 44.16
N CYS B 158 -11.00 4.19 45.29
CA CYS B 158 -11.48 3.72 46.60
C CYS B 158 -12.79 4.39 47.03
N PHE B 159 -12.88 5.70 46.84
CA PHE B 159 -14.11 6.45 47.17
C PHE B 159 -15.28 6.04 46.25
N CYS B 160 -14.98 5.82 44.97
CA CYS B 160 -15.99 5.34 44.01
C CYS B 160 -16.46 3.92 44.30
N GLU B 161 -15.55 3.07 44.78
CA GLU B 161 -15.88 1.71 45.18
C GLU B 161 -16.87 1.70 46.36
N LYS B 162 -16.66 2.60 47.31
CA LYS B 162 -17.51 2.74 48.52
C LYS B 162 -18.72 3.68 48.32
N LEU B 163 -18.95 4.12 47.09
CA LEU B 163 -20.04 5.04 46.74
C LEU B 163 -19.99 6.40 47.48
N GLU B 164 -18.79 6.86 47.81
CA GLU B 164 -18.57 8.18 48.39
C GLU B 164 -18.33 9.16 47.23
N ALA B 165 -19.43 9.66 46.67
CA ALA B 165 -19.39 10.50 45.47
C ALA B 165 -18.67 11.84 45.68
N GLU B 166 -18.99 12.51 46.78
CA GLU B 166 -18.39 13.82 47.08
C GLU B 166 -16.88 13.72 47.27
N LYS B 167 -16.44 12.75 48.05
CA LYS B 167 -15.00 12.50 48.27
C LYS B 167 -14.25 12.10 46.99
N GLY B 168 -14.97 11.46 46.06
CA GLY B 168 -14.43 11.18 44.73
C GLY B 168 -14.15 12.44 43.92
N TYR B 169 -15.08 13.39 43.96
CA TYR B 169 -14.95 14.63 43.19
C TYR B 169 -13.89 15.57 43.79
N GLU B 170 -13.66 15.47 45.10
CA GLU B 170 -12.54 16.16 45.75
C GLU B 170 -11.20 15.77 45.14
N VAL B 171 -11.02 14.48 44.86
CA VAL B 171 -9.78 13.97 44.27
C VAL B 171 -9.63 14.50 42.84
N GLU B 172 -10.72 14.47 42.08
CA GLU B 172 -10.75 15.02 40.71
C GLU B 172 -10.24 16.46 40.66
N GLU B 173 -10.74 17.29 41.58
CA GLU B 173 -10.33 18.69 41.68
C GLU B 173 -8.84 18.84 42.03
N HIS B 174 -8.37 18.07 43.01
CA HIS B 174 -6.96 18.13 43.43
CA HIS B 174 -6.97 18.11 43.43
C HIS B 174 -6.01 17.61 42.34
N MET B 175 -6.51 16.73 41.47
CA MET B 175 -5.74 16.26 40.30
C MET B 175 -5.65 17.35 39.24
N GLU B 176 -6.81 17.92 38.89
CA GLU B 176 -6.89 18.98 37.88
C GLU B 176 -6.26 20.30 38.34
N ALA B 177 -6.22 20.53 39.66
CA ALA B 177 -5.47 21.65 40.23
C ALA B 177 -3.96 21.44 40.11
N ALA B 178 -3.51 20.20 40.30
CA ALA B 178 -2.08 19.83 40.19
C ALA B 178 -1.60 19.56 38.75
N GLY B 179 -2.50 19.67 37.77
CA GLY B 179 -2.13 19.50 36.35
C GLY B 179 -1.97 18.06 35.94
N ILE B 180 -2.95 17.23 36.31
CA ILE B 180 -2.95 15.79 36.02
C ILE B 180 -4.15 15.47 35.15
N ALA B 181 -3.89 14.95 33.96
CA ALA B 181 -4.95 14.57 33.02
C ALA B 181 -5.58 13.24 33.43
N LEU B 182 -6.90 13.23 33.59
CA LEU B 182 -7.63 11.99 33.89
C LEU B 182 -7.78 11.14 32.63
N GLU B 183 -7.71 9.82 32.79
CA GLU B 183 -7.87 8.85 31.70
C GLU B 183 -9.18 8.07 31.86
N GLU B 184 -9.46 7.20 30.89
CA GLU B 184 -10.72 6.43 30.83
C GLU B 184 -11.06 5.67 32.12
N ALA B 185 -10.06 5.08 32.77
CA ALA B 185 -10.28 4.29 33.98
C ALA B 185 -10.86 5.12 35.13
N GLU B 186 -10.30 6.30 35.32
CA GLU B 186 -10.67 7.18 36.44
C GLU B 186 -11.93 8.00 36.16
N ILE B 187 -12.14 8.35 34.89
CA ILE B 187 -13.36 9.06 34.47
C ILE B 187 -14.57 8.14 34.59
N SER B 188 -14.40 6.89 34.18
CA SER B 188 -15.45 5.86 34.31
C SER B 188 -15.73 5.51 35.77
N ALA B 189 -14.70 5.58 36.62
CA ALA B 189 -14.88 5.45 38.06
C ALA B 189 -15.82 6.53 38.61
N LEU B 190 -15.56 7.78 38.23
CA LEU B 190 -16.42 8.90 38.62
C LEU B 190 -17.80 8.86 37.97
N LEU B 191 -17.88 8.31 36.76
CA LEU B 191 -19.18 8.05 36.11
C LEU B 191 -19.97 6.99 36.86
N LYS B 192 -19.27 5.93 37.30
CA LYS B 192 -19.89 4.81 38.04
C LYS B 192 -20.55 5.30 39.33
N VAL B 193 -19.78 5.98 40.17
CA VAL B 193 -20.27 6.49 41.45
C VAL B 193 -21.38 7.54 41.30
N SER B 194 -21.30 8.36 40.26
CA SER B 194 -22.33 9.35 39.94
C SER B 194 -23.66 8.68 39.59
N ALA B 195 -23.58 7.71 38.68
CA ALA B 195 -24.76 6.92 38.28
C ALA B 195 -25.30 6.05 39.42
N ALA B 196 -24.40 5.56 40.28
CA ALA B 196 -24.78 4.69 41.40
C ALA B 196 -25.58 5.44 42.47
N THR B 197 -25.17 6.67 42.77
CA THR B 197 -25.85 7.51 43.78
C THR B 197 -26.93 8.45 43.20
N GLY B 198 -27.39 8.18 41.98
CA GLY B 198 -28.51 8.91 41.38
C GLY B 198 -28.26 10.34 40.94
N ARG B 199 -26.99 10.75 40.87
CA ARG B 199 -26.62 12.14 40.53
C ARG B 199 -26.67 12.37 39.01
N GLU B 200 -27.89 12.58 38.51
CA GLU B 200 -28.16 12.86 37.09
C GLU B 200 -27.35 14.02 36.51
N ASN B 201 -27.16 15.08 37.31
CA ASN B 201 -26.36 16.24 36.90
C ASN B 201 -24.88 15.91 36.67
N LYS B 202 -24.31 15.05 37.51
CA LYS B 202 -22.90 14.65 37.40
C LYS B 202 -22.65 13.59 36.33
N VAL B 203 -23.64 12.74 36.06
CA VAL B 203 -23.57 11.78 34.95
C VAL B 203 -23.38 12.52 33.63
N TYR B 204 -24.13 13.63 33.46
CA TYR B 204 -23.98 14.51 32.30
C TYR B 204 -22.56 15.04 32.16
N ARG B 205 -21.97 15.48 33.27
CA ARG B 205 -20.60 15.99 33.30
C ARG B 205 -19.60 15.00 32.72
N TYR B 206 -19.63 13.77 33.24
CA TYR B 206 -18.60 12.77 32.90
C TYR B 206 -18.81 12.10 31.54
N LEU B 207 -20.03 12.09 31.02
CA LEU B 207 -20.27 11.75 29.61
C LEU B 207 -19.60 12.75 28.66
N HIS B 208 -19.54 14.02 29.06
CA HIS B 208 -18.80 15.04 28.33
C HIS B 208 -17.28 14.98 28.57
N LYS B 209 -16.86 14.47 29.73
CA LYS B 209 -15.43 14.18 29.96
C LYS B 209 -14.95 13.03 29.09
N LEU B 210 -15.71 11.93 29.05
CA LEU B 210 -15.43 10.81 28.13
C LEU B 210 -15.45 11.26 26.67
N ARG B 211 -16.37 12.16 26.33
CA ARG B 211 -16.47 12.73 24.99
C ARG B 211 -15.14 13.38 24.56
N GLU B 212 -14.66 14.34 25.35
CA GLU B 212 -13.46 15.11 24.98
C GLU B 212 -12.13 14.39 25.25
N TYR B 213 -12.02 13.66 26.37
CA TYR B 213 -10.75 13.03 26.76
C TYR B 213 -10.54 11.60 26.24
N VAL B 214 -11.61 10.81 26.15
CA VAL B 214 -11.50 9.38 25.80
C VAL B 214 -11.79 9.09 24.32
N GLY B 215 -12.79 9.75 23.74
CA GLY B 215 -13.22 9.47 22.37
C GLY B 215 -14.05 8.20 22.36
N CYS B 216 -13.62 7.18 21.62
CA CYS B 216 -14.29 5.87 21.64
C CYS B 216 -13.94 5.14 22.94
N VAL B 217 -14.83 4.26 23.39
CA VAL B 217 -14.81 3.74 24.77
C VAL B 217 -14.57 2.23 24.87
N SER B 218 -14.34 1.75 26.09
CA SER B 218 -14.16 0.32 26.39
C SER B 218 -15.50 -0.42 26.43
N GLU B 219 -15.43 -1.74 26.53
CA GLU B 219 -16.61 -2.59 26.72
C GLU B 219 -17.16 -2.43 28.14
N GLU B 220 -16.27 -2.23 29.11
CA GLU B 220 -16.65 -1.97 30.51
C GLU B 220 -17.29 -0.59 30.68
N THR B 221 -16.68 0.40 30.05
CA THR B 221 -17.17 1.79 30.06
C THR B 221 -18.53 1.93 29.39
N LEU B 222 -18.72 1.24 28.26
CA LEU B 222 -19.99 1.22 27.56
C LEU B 222 -21.10 0.49 28.34
N LYS B 223 -20.70 -0.51 29.14
CA LYS B 223 -21.64 -1.20 30.04
C LYS B 223 -22.18 -0.26 31.12
N ILE B 224 -21.31 0.57 31.69
CA ILE B 224 -21.69 1.53 32.74
C ILE B 224 -22.66 2.58 32.20
N ILE B 225 -22.46 2.99 30.95
CA ILE B 225 -23.34 3.97 30.29
C ILE B 225 -24.68 3.33 29.93
N GLU B 226 -24.65 2.07 29.49
CA GLU B 226 -25.87 1.31 29.21
C GLU B 226 -26.72 1.10 30.47
N GLU B 227 -26.05 0.77 31.58
CA GLU B 227 -26.71 0.63 32.90
C GLU B 227 -27.48 1.88 33.31
N TRP B 228 -26.86 3.05 33.12
CA TRP B 228 -27.49 4.33 33.44
C TRP B 228 -28.79 4.52 32.65
N PHE B 229 -28.67 4.56 31.33
CA PHE B 229 -29.81 4.88 30.44
C PHE B 229 -30.94 3.84 30.47
N CYS B 230 -30.61 2.58 30.74
CA CYS B 230 -31.63 1.53 30.92
C CYS B 230 -32.23 1.52 32.33
N GLY B 231 -31.50 2.06 33.30
CA GLY B 231 -32.01 2.26 34.66
C GLY B 231 -33.14 3.27 34.75
N GLU B 232 -33.81 3.29 35.91
CA GLU B 232 -35.04 4.08 36.09
C GLU B 232 -34.77 5.58 36.30
N LYS B 233 -33.77 5.90 37.11
CA LYS B 233 -33.43 7.31 37.42
C LYS B 233 -33.12 8.14 36.17
N ALA B 234 -32.42 7.54 35.20
CA ALA B 234 -32.05 8.23 33.96
C ALA B 234 -33.24 8.59 33.08
N GLY B 235 -34.28 7.75 33.09
CA GLY B 235 -35.48 7.96 32.29
C GLY B 235 -36.58 8.81 32.91
N GLU B 236 -36.22 9.66 33.87
CA GLU B 236 -37.18 10.54 34.56
C GLU B 236 -36.58 11.96 34.73
N VAL B 237 -35.98 12.47 33.66
CA VAL B 237 -35.37 13.82 33.64
C VAL B 237 -35.59 14.47 32.27
N GLY B 238 -35.76 15.79 32.24
CA GLY B 238 -35.96 16.52 30.99
C GLY B 238 -36.33 17.98 31.13
N ASP B 239 -36.25 18.69 30.00
CA ASP B 239 -36.61 20.12 29.91
C ASP B 239 -37.42 20.35 28.64
N ASP B 245 -35.82 24.93 24.39
CA ASP B 245 -35.27 25.98 23.56
C ASP B 245 -34.31 25.37 22.53
N VAL B 246 -34.83 25.09 21.34
CA VAL B 246 -34.06 24.46 20.26
C VAL B 246 -33.11 25.47 19.59
N GLY B 247 -33.54 26.74 19.51
CA GLY B 247 -32.72 27.81 18.95
C GLY B 247 -31.40 28.02 19.67
N MET B 248 -31.44 27.99 20.99
CA MET B 248 -30.22 28.01 21.83
C MET B 248 -29.33 26.80 21.56
N LEU B 249 -29.96 25.63 21.46
CA LEU B 249 -29.24 24.37 21.26
C LEU B 249 -28.53 24.26 19.90
N ARG B 250 -29.27 24.46 18.82
CA ARG B 250 -28.72 24.33 17.46
C ARG B 250 -27.63 25.36 17.16
N GLU B 251 -27.78 26.57 17.71
CA GLU B 251 -26.74 27.60 17.64
C GLU B 251 -25.49 27.18 18.41
N ALA B 252 -25.70 26.65 19.63
CA ALA B 252 -24.60 26.19 20.48
C ALA B 252 -23.84 24.96 19.92
N VAL B 253 -24.54 24.12 19.15
CA VAL B 253 -23.90 22.98 18.47
C VAL B 253 -22.93 23.48 17.41
N LEU B 254 -23.38 24.41 16.57
CA LEU B 254 -22.56 24.99 15.52
C LEU B 254 -21.48 25.92 16.06
N ASN B 255 -21.78 26.64 17.15
CA ASN B 255 -20.79 27.49 17.83
C ASN B 255 -19.64 26.68 18.43
N ASN B 256 -19.96 25.49 18.94
CA ASN B 256 -18.95 24.51 19.36
C ASN B 256 -18.39 23.76 18.16
N GLY B 257 -17.35 22.95 18.39
CA GLY B 257 -16.69 22.17 17.33
C GLY B 257 -17.60 21.30 16.48
N GLY B 258 -18.70 20.82 17.07
CA GLY B 258 -19.72 20.05 16.36
C GLY B 258 -20.16 18.84 17.17
N GLY B 259 -21.43 18.50 17.07
CA GLY B 259 -21.98 17.32 17.75
C GLY B 259 -22.07 17.37 19.27
N TRP B 260 -22.14 18.56 19.87
CA TRP B 260 -22.45 18.71 21.31
C TRP B 260 -22.82 20.15 21.69
N HIS B 261 -23.74 20.28 22.64
CA HIS B 261 -24.14 21.59 23.20
C HIS B 261 -23.69 21.75 24.65
N GLY B 262 -23.88 20.71 25.46
CA GLY B 262 -23.29 20.65 26.80
C GLY B 262 -23.91 21.55 27.86
N HIS B 263 -25.24 21.51 27.96
CA HIS B 263 -25.96 22.16 29.06
C HIS B 263 -27.36 21.60 29.24
N GLY B 264 -27.48 20.58 30.10
CA GLY B 264 -28.77 20.01 30.49
C GLY B 264 -29.25 18.83 29.66
N TRP B 265 -30.08 18.00 30.28
CA TRP B 265 -30.74 16.87 29.59
C TRP B 265 -31.97 17.38 28.83
N VAL B 266 -32.41 16.61 27.84
CA VAL B 266 -33.60 16.96 27.02
C VAL B 266 -34.43 15.71 26.71
N GLY B 267 -35.75 15.89 26.61
CA GLY B 267 -36.66 14.85 26.09
C GLY B 267 -37.84 14.45 26.97
N GLU B 268 -37.62 14.41 28.28
CA GLU B 268 -38.66 14.10 29.30
C GLU B 268 -38.95 12.60 29.55
N GLY B 269 -39.20 11.83 28.49
CA GLY B 269 -39.64 10.42 28.61
C GLY B 269 -38.56 9.41 28.98
N LYS B 270 -38.74 8.17 28.53
CA LYS B 270 -37.77 7.08 28.76
C LYS B 270 -36.84 6.87 27.56
N TRP B 271 -35.62 6.42 27.85
CA TRP B 271 -34.60 6.19 26.83
C TRP B 271 -34.77 4.83 26.14
N THR B 272 -34.21 4.72 24.94
CA THR B 272 -34.20 3.48 24.16
C THR B 272 -32.78 3.21 23.67
N VAL B 273 -32.04 2.42 24.43
CA VAL B 273 -30.64 2.11 24.12
C VAL B 273 -30.62 0.91 23.16
N LYS B 274 -29.93 1.08 22.03
CA LYS B 274 -29.76 0.01 21.03
C LYS B 274 -28.42 0.13 20.31
N LYS B 275 -27.68 -0.97 20.24
CA LYS B 275 -26.34 -1.00 19.63
C LYS B 275 -26.43 -1.44 18.18
N GLY B 276 -26.06 -0.55 17.25
CA GLY B 276 -26.09 -0.83 15.82
C GLY B 276 -24.99 -0.11 15.06
N ASN B 277 -24.67 -0.62 13.87
CA ASN B 277 -23.58 -0.09 13.05
C ASN B 277 -23.97 1.22 12.34
N VAL B 278 -23.00 1.83 11.67
CA VAL B 278 -23.20 3.11 10.96
C VAL B 278 -22.69 3.02 9.52
N SER B 279 -23.37 3.71 8.60
CA SER B 279 -23.03 3.69 7.18
C SER B 279 -21.86 4.62 6.85
N SER B 280 -21.48 4.68 5.57
CA SER B 280 -20.37 5.50 5.12
C SER B 280 -20.64 7.01 5.22
N THR B 281 -21.85 7.43 4.83
CA THR B 281 -22.26 8.84 4.89
C THR B 281 -23.05 9.09 6.17
N GLY B 282 -22.38 8.96 7.31
CA GLY B 282 -23.01 9.08 8.63
C GLY B 282 -24.16 8.11 8.78
N ARG B 283 -25.29 8.60 9.25
CA ARG B 283 -26.56 7.85 9.27
C ARG B 283 -26.48 6.54 10.07
N CYS B 284 -26.65 6.65 11.38
CA CYS B 284 -26.69 5.46 12.24
C CYS B 284 -27.94 4.67 11.94
N LEU B 285 -27.79 3.35 11.79
CA LEU B 285 -28.91 2.47 11.42
C LEU B 285 -29.96 2.32 12.55
N SER B 286 -29.59 2.67 13.78
CA SER B 286 -30.51 2.67 14.91
C SER B 286 -31.59 3.75 14.79
N CYS B 287 -31.16 5.01 14.71
CA CYS B 287 -32.08 6.17 14.68
C CYS B 287 -32.26 6.83 13.31
N SER B 288 -31.39 6.51 12.35
CA SER B 288 -31.40 7.12 11.00
C SER B 288 -31.24 8.66 10.99
N GLU B 289 -30.46 9.17 11.95
CA GLU B 289 -30.13 10.60 12.02
C GLU B 289 -28.66 10.78 11.62
N GLN B 290 -28.34 11.96 11.07
CA GLN B 290 -27.00 12.23 10.55
C GLN B 290 -26.03 12.61 11.66
N LEU B 291 -24.96 11.82 11.80
CA LEU B 291 -23.90 12.09 12.78
C LEU B 291 -23.00 13.22 12.26
N ALA B 292 -22.68 14.17 13.14
CA ALA B 292 -21.98 15.39 12.75
C ALA B 292 -20.49 15.18 12.45
N CYS B 293 -19.93 16.09 11.65
CA CYS B 293 -18.50 16.13 11.35
C CYS B 293 -17.85 17.15 12.27
N VAL B 294 -17.12 16.65 13.27
CA VAL B 294 -16.53 17.50 14.31
C VAL B 294 -15.10 17.88 13.92
N ASP B 295 -14.84 19.18 13.85
CA ASP B 295 -13.49 19.69 13.58
C ASP B 295 -12.65 19.63 14.85
N THR B 296 -11.33 19.74 14.70
CA THR B 296 -10.41 19.79 15.83
C THR B 296 -10.58 21.10 16.61
N ASN B 297 -10.17 21.09 17.87
CA ASN B 297 -10.32 22.25 18.77
C ASN B 297 -9.62 23.50 18.22
N GLU B 298 -10.36 24.60 18.13
CA GLU B 298 -9.90 25.81 17.43
C GLU B 298 -8.72 26.53 18.11
N VAL B 299 -8.72 26.53 19.45
CA VAL B 299 -7.59 27.07 20.22
C VAL B 299 -6.42 26.08 20.22
N GLU B 300 -6.72 24.78 20.15
CA GLU B 300 -5.69 23.73 20.04
C GLU B 300 -4.95 23.74 18.69
N THR B 301 -5.63 24.14 17.62
CA THR B 301 -4.99 24.30 16.29
C THR B 301 -4.03 25.50 16.26
N GLN B 302 -4.27 26.50 17.10
CA GLN B 302 -3.36 27.65 17.25
C GLN B 302 -2.05 27.24 17.93
N LYS B 303 -2.14 26.34 18.92
CA LYS B 303 -0.95 25.73 19.53
C LYS B 303 -0.16 24.87 18.54
N PHE B 304 -0.89 24.18 17.65
CA PHE B 304 -0.28 23.38 16.58
C PHE B 304 0.49 24.25 15.57
N VAL B 305 -0.09 25.40 15.21
CA VAL B 305 0.57 26.36 14.31
C VAL B 305 1.84 26.95 14.95
N ASP B 306 1.76 27.28 16.23
CA ASP B 306 2.89 27.87 16.96
C ASP B 306 4.07 26.91 17.15
N SER B 307 3.78 25.66 17.52
CA SER B 307 4.82 24.62 17.63
C SER B 307 5.43 24.25 16.27
N LEU B 308 4.64 24.37 15.21
CA LEU B 308 5.10 24.16 13.84
C LEU B 308 6.02 25.30 13.37
N VAL B 309 5.59 26.54 13.59
CA VAL B 309 6.39 27.73 13.24
C VAL B 309 7.65 27.81 14.11
N ALA B 310 7.53 27.45 15.39
CA ALA B 310 8.69 27.34 16.29
C ALA B 310 9.75 26.36 15.75
N LEU B 311 9.28 25.22 15.25
CA LEU B 311 10.14 24.22 14.60
C LEU B 311 10.68 24.71 13.25
N ALA B 312 9.84 25.41 12.49
CA ALA B 312 10.23 25.96 11.18
C ALA B 312 11.25 27.09 11.29
N MET B 313 11.10 27.96 12.28
CA MET B 313 12.03 29.09 12.49
C MET B 313 13.42 28.67 13.01
N ASP B 314 13.54 27.45 13.52
CA ASP B 314 14.84 26.87 13.88
C ASP B 314 14.84 25.36 13.66
N VAL B 327 13.60 33.49 6.38
CA VAL B 327 13.22 32.88 5.11
C VAL B 327 11.79 32.28 5.14
N PHE B 328 11.41 31.67 6.26
CA PHE B 328 10.07 31.09 6.42
C PHE B 328 8.98 32.15 6.56
N SER B 329 9.30 33.27 7.21
CA SER B 329 8.36 34.38 7.44
C SER B 329 7.69 34.91 6.15
N GLU B 330 8.44 34.90 5.05
CA GLU B 330 7.95 35.37 3.75
C GLU B 330 6.78 34.55 3.19
N PHE B 331 6.72 33.26 3.54
CA PHE B 331 5.59 32.40 3.16
C PHE B 331 4.31 32.72 3.96
N GLN B 332 4.47 33.10 5.23
CA GLN B 332 3.33 33.33 6.13
C GLN B 332 2.41 34.45 5.66
N ASP B 333 3.00 35.60 5.32
CA ASP B 333 2.24 36.74 4.77
C ASP B 333 1.88 36.56 3.28
N TRP B 334 2.60 35.70 2.56
CA TRP B 334 2.20 35.30 1.20
C TRP B 334 0.91 34.47 1.19
N LEU B 335 0.70 33.68 2.24
CA LEU B 335 -0.52 32.86 2.38
C LEU B 335 -1.74 33.70 2.76
N GLU B 336 -1.53 34.78 3.54
CA GLU B 336 -2.59 35.76 3.84
C GLU B 336 -3.12 36.41 2.56
N LYS B 337 -2.20 36.86 1.71
CA LYS B 337 -2.53 37.31 0.36
C LYS B 337 -2.64 36.08 -0.54
N HIS B 338 -2.92 36.30 -1.82
CA HIS B 338 -2.68 35.31 -2.89
C HIS B 338 -3.08 33.85 -2.55
N GLY B 339 -4.11 33.67 -1.73
CA GLY B 339 -4.42 32.34 -1.19
C GLY B 339 -5.75 32.20 -0.45
N ASP B 340 -6.62 31.34 -0.99
CA ASP B 340 -7.90 30.98 -0.35
C ASP B 340 -8.34 29.58 -0.83
N TYR B 341 -7.42 28.62 -0.73
CA TYR B 341 -7.56 27.31 -1.35
C TYR B 341 -8.39 26.34 -0.51
N GLU B 342 -9.07 25.41 -1.19
CA GLU B 342 -9.81 24.32 -0.53
C GLU B 342 -8.92 23.11 -0.20
N ALA B 343 -7.74 23.03 -0.83
CA ALA B 343 -6.82 21.90 -0.62
C ALA B 343 -5.36 22.29 -0.82
N ILE B 344 -4.48 21.53 -0.16
CA ILE B 344 -3.02 21.69 -0.27
C ILE B 344 -2.43 20.35 -0.71
N VAL B 345 -1.39 20.39 -1.54
CA VAL B 345 -0.78 19.19 -2.09
C VAL B 345 0.70 19.10 -1.70
N ASP B 346 1.12 17.92 -1.24
CA ASP B 346 2.52 17.61 -0.98
C ASP B 346 3.15 17.13 -2.29
N GLY B 347 3.62 18.09 -3.08
CA GLY B 347 4.14 17.85 -4.43
C GLY B 347 5.20 16.77 -4.56
N ALA B 348 6.09 16.70 -3.57
CA ALA B 348 7.16 15.69 -3.55
C ALA B 348 6.59 14.26 -3.50
N ASN B 349 5.60 14.05 -2.63
CA ASN B 349 4.98 12.73 -2.45
C ASN B 349 4.19 12.25 -3.67
N ILE B 350 3.38 13.15 -4.23
CA ILE B 350 2.54 12.84 -5.41
C ILE B 350 3.43 12.52 -6.62
N GLY B 351 4.45 13.33 -6.84
CA GLY B 351 5.39 13.12 -7.93
C GLY B 351 6.26 11.88 -7.81
N LEU B 352 6.67 11.54 -6.58
CA LEU B 352 7.47 10.34 -6.33
C LEU B 352 6.65 9.06 -6.07
N TYR B 353 5.32 9.17 -6.09
CA TYR B 353 4.45 8.01 -5.86
C TYR B 353 4.63 6.94 -6.93
N GLN B 354 4.95 5.72 -6.49
CA GLN B 354 5.25 4.58 -7.37
C GLN B 354 6.36 4.86 -8.39
N GLN B 355 7.39 5.60 -7.96
CA GLN B 355 8.57 5.89 -8.76
C GLN B 355 9.76 5.19 -8.15
N ASN B 356 10.75 4.86 -9.00
CA ASN B 356 11.95 4.16 -8.55
C ASN B 356 12.87 5.11 -7.76
N PHE B 357 12.97 4.86 -6.46
CA PHE B 357 13.98 5.49 -5.59
C PHE B 357 15.41 5.48 -6.19
N VAL B 358 15.75 4.42 -6.92
CA VAL B 358 17.06 4.28 -7.57
C VAL B 358 17.21 5.24 -8.77
N ASP B 359 16.16 5.33 -9.59
CA ASP B 359 16.19 6.16 -10.81
C ASP B 359 16.11 7.66 -10.51
N GLY B 360 15.34 8.02 -9.49
CA GLY B 360 15.05 9.43 -9.18
C GLY B 360 14.15 10.07 -10.21
N SER B 361 13.18 9.31 -10.70
CA SER B 361 12.27 9.74 -11.76
C SER B 361 11.05 10.44 -11.15
N PHE B 362 10.93 11.74 -11.40
CA PHE B 362 9.77 12.51 -10.95
C PHE B 362 8.63 12.37 -11.96
N SER B 363 7.39 12.45 -11.47
CA SER B 363 6.20 12.30 -12.31
C SER B 363 5.28 13.53 -12.22
N LEU B 364 5.45 14.44 -13.18
CA LEU B 364 4.61 15.63 -13.30
C LEU B 364 3.19 15.29 -13.77
N SER B 365 3.03 14.20 -14.52
CA SER B 365 1.71 13.76 -15.02
C SER B 365 0.78 13.32 -13.88
N GLN B 366 1.32 12.61 -12.90
CA GLN B 366 0.58 12.25 -11.67
C GLN B 366 0.20 13.50 -10.86
N LEU B 367 1.12 14.46 -10.81
CA LEU B 367 0.86 15.75 -10.15
C LEU B 367 -0.17 16.60 -10.89
N GLU B 368 -0.21 16.46 -12.22
CA GLU B 368 -1.21 17.14 -13.06
C GLU B 368 -2.62 16.59 -12.83
N SER B 369 -2.73 15.27 -12.66
CA SER B 369 -4.03 14.62 -12.40
C SER B 369 -4.67 15.08 -11.09
N VAL B 370 -3.85 15.21 -10.04
CA VAL B 370 -4.31 15.67 -8.72
C VAL B 370 -4.80 17.12 -8.80
N MET B 371 -4.18 17.92 -9.66
CA MET B 371 -4.60 19.30 -9.89
C MET B 371 -6.01 19.40 -10.48
N LYS B 372 -6.29 18.61 -11.51
CA LYS B 372 -7.55 18.72 -12.25
C LYS B 372 -8.74 17.99 -11.63
N GLU B 373 -8.48 16.99 -10.78
CA GLU B 373 -9.57 16.26 -10.08
C GLU B 373 -10.07 17.00 -8.83
N LEU B 374 -9.17 17.65 -8.09
CA LEU B 374 -9.55 18.54 -6.98
C LEU B 374 -10.29 19.78 -7.46
N TYR B 375 -9.92 20.28 -8.62
CA TYR B 375 -10.63 21.39 -9.29
C TYR B 375 -12.09 21.03 -9.59
N ARG B 376 -12.33 19.79 -10.00
CA ARG B 376 -13.68 19.30 -10.28
C ARG B 376 -14.48 19.07 -8.98
N GLU B 377 -13.80 18.64 -7.91
CA GLU B 377 -14.42 18.53 -6.58
C GLU B 377 -14.88 19.88 -6.03
N SER B 378 -14.04 20.91 -6.22
CA SER B 378 -14.39 22.28 -5.86
C SER B 378 -15.63 22.81 -6.59
N GLY B 379 -15.78 22.39 -7.85
CA GLY B 379 -16.88 22.83 -8.72
C GLY B 379 -16.38 23.92 -9.64
N ASN B 380 -15.30 23.59 -10.37
CA ASN B 380 -14.52 24.54 -11.19
C ASN B 380 -14.35 25.97 -10.62
N ASN B 381 -14.15 26.06 -9.30
CA ASN B 381 -14.03 27.34 -8.59
C ASN B 381 -12.61 27.63 -8.13
N LYS B 382 -12.04 26.72 -7.35
CA LYS B 382 -10.72 26.93 -6.71
C LYS B 382 -9.76 25.75 -6.96
N TRP B 383 -8.58 26.07 -7.48
CA TRP B 383 -7.48 25.10 -7.60
C TRP B 383 -6.81 24.91 -6.24
N PRO B 384 -6.11 23.77 -6.06
CA PRO B 384 -5.29 23.56 -4.86
C PRO B 384 -3.92 24.23 -4.98
N LEU B 385 -3.15 24.21 -3.88
CA LEU B 385 -1.78 24.74 -3.85
C LEU B 385 -0.77 23.60 -3.77
N ILE B 386 0.13 23.52 -4.75
CA ILE B 386 1.20 22.53 -4.77
C ILE B 386 2.44 23.13 -4.10
N LEU B 387 3.16 22.31 -3.34
CA LEU B 387 4.39 22.74 -2.66
C LEU B 387 5.55 21.80 -2.96
N LEU B 388 6.33 22.18 -3.99
CA LEU B 388 7.55 21.48 -4.37
C LEU B 388 8.78 22.26 -3.93
N HIS B 389 9.93 21.59 -3.99
CA HIS B 389 11.20 22.19 -3.63
C HIS B 389 11.70 23.06 -4.78
N LYS B 390 12.51 24.06 -4.46
CA LYS B 390 13.08 24.94 -5.48
C LYS B 390 13.90 24.14 -6.50
N ARG B 391 14.69 23.18 -6.03
CA ARG B 391 15.45 22.28 -6.90
C ARG B 391 14.55 21.56 -7.89
N ARG B 392 13.49 20.94 -7.38
CA ARG B 392 12.52 20.20 -8.20
C ARG B 392 11.78 21.11 -9.19
N VAL B 393 11.33 22.27 -8.71
CA VAL B 393 10.62 23.23 -9.56
C VAL B 393 11.53 23.73 -10.68
N LYS B 394 12.79 24.02 -10.35
CA LYS B 394 13.76 24.51 -11.34
C LYS B 394 14.08 23.47 -12.41
N THR B 395 14.30 22.22 -12.01
CA THR B 395 14.60 21.14 -12.96
C THR B 395 13.44 20.82 -13.91
N LEU B 396 12.21 21.06 -13.45
CA LEU B 396 11.03 20.97 -14.33
C LEU B 396 10.99 22.09 -15.37
N LEU B 397 11.42 23.29 -14.98
CA LEU B 397 11.53 24.42 -15.91
C LEU B 397 12.65 24.26 -16.95
N GLU B 398 13.65 23.42 -16.66
CA GLU B 398 14.72 23.13 -17.62
C GLU B 398 14.34 22.14 -18.74
N ASN B 399 13.19 21.46 -18.61
CA ASN B 399 12.64 20.64 -19.69
C ASN B 399 11.73 21.48 -20.60
N PRO B 400 11.99 21.47 -21.93
CA PRO B 400 11.11 22.20 -22.86
C PRO B 400 9.64 21.77 -22.83
N THR B 401 9.40 20.47 -22.66
CA THR B 401 8.03 19.92 -22.63
C THR B 401 7.28 20.31 -21.35
N HIS B 402 7.92 20.15 -20.20
CA HIS B 402 7.28 20.44 -18.88
C HIS B 402 7.19 21.92 -18.53
N ARG B 403 7.85 22.79 -19.28
CA ARG B 403 7.69 24.25 -19.13
C ARG B 403 6.29 24.67 -19.59
N ASN B 404 5.90 25.91 -19.28
CA ASN B 404 4.57 26.49 -19.56
C ASN B 404 3.54 26.04 -18.54
N LEU B 405 3.28 24.73 -18.48
CA LEU B 405 2.41 24.15 -17.46
C LEU B 405 2.91 24.47 -16.04
N VAL B 406 4.23 24.41 -15.84
CA VAL B 406 4.83 24.80 -14.57
C VAL B 406 4.89 26.32 -14.44
N GLU B 407 5.24 27.01 -15.53
CA GLU B 407 5.28 28.48 -15.54
C GLU B 407 3.93 29.12 -15.21
N GLU B 408 2.85 28.57 -15.76
CA GLU B 408 1.50 29.12 -15.52
C GLU B 408 1.05 28.92 -14.08
N TRP B 409 1.40 27.78 -13.48
CA TRP B 409 1.09 27.52 -12.07
C TRP B 409 1.78 28.50 -11.12
N ILE B 410 2.99 28.95 -11.49
CA ILE B 410 3.69 29.98 -10.73
C ILE B 410 2.98 31.33 -10.88
N SER B 411 2.56 31.67 -12.10
CA SER B 411 1.86 32.94 -12.38
C SER B 411 0.44 32.98 -11.81
N ASN B 412 -0.29 31.87 -11.96
CA ASN B 412 -1.63 31.72 -11.36
C ASN B 412 -1.62 31.65 -9.83
N GLY B 413 -0.48 31.34 -9.23
CA GLY B 413 -0.33 31.26 -7.78
C GLY B 413 -0.90 29.97 -7.23
N VAL B 414 -0.60 28.87 -7.92
CA VAL B 414 -1.06 27.53 -7.54
C VAL B 414 0.12 26.54 -7.48
N LEU B 415 1.31 27.08 -7.23
CA LEU B 415 2.53 26.29 -7.05
C LEU B 415 3.59 27.19 -6.39
N TYR B 416 3.86 26.93 -5.11
CA TYR B 416 4.85 27.69 -4.35
C TYR B 416 6.11 26.84 -4.18
N ALA B 417 7.24 27.34 -4.68
CA ALA B 417 8.52 26.64 -4.55
C ALA B 417 9.13 26.92 -3.18
N THR B 418 9.27 25.87 -2.35
CA THR B 418 9.87 26.01 -1.02
C THR B 418 11.39 26.16 -1.17
N PRO B 419 12.01 27.03 -0.35
CA PRO B 419 13.44 27.33 -0.53
C PRO B 419 14.36 26.18 -0.12
N PRO B 420 15.61 26.16 -0.65
CA PRO B 420 16.54 25.08 -0.37
C PRO B 420 17.12 25.16 1.05
N GLY B 421 17.46 24.01 1.62
CA GLY B 421 17.96 23.92 2.99
C GLY B 421 16.89 23.51 3.98
N SER B 422 15.83 24.34 4.06
CA SER B 422 14.68 24.05 4.93
C SER B 422 13.79 22.96 4.31
N ASN B 423 13.10 22.23 5.18
CA ASN B 423 12.22 21.15 4.75
C ASN B 423 10.92 21.69 4.17
N ASP B 424 10.39 21.02 3.14
CA ASP B 424 9.06 21.34 2.61
C ASP B 424 7.93 20.92 3.56
N ASP B 425 8.21 19.97 4.45
CA ASP B 425 7.21 19.43 5.41
C ASP B 425 6.44 20.49 6.18
N TRP B 426 7.15 21.52 6.65
CA TRP B 426 6.55 22.57 7.48
C TRP B 426 5.62 23.51 6.71
N TYR B 427 5.82 23.61 5.40
CA TYR B 427 5.07 24.56 4.57
C TYR B 427 3.66 24.07 4.27
N TRP B 428 3.53 22.80 3.86
CA TRP B 428 2.20 22.22 3.55
C TRP B 428 1.42 21.74 4.79
N LEU B 429 2.11 21.56 5.93
CA LEU B 429 1.43 21.45 7.22
C LEU B 429 0.80 22.79 7.60
N TYR B 430 1.62 23.84 7.55
CA TYR B 430 1.20 25.21 7.91
C TYR B 430 0.10 25.75 6.98
N ALA B 431 0.25 25.49 5.69
CA ALA B 431 -0.73 25.92 4.67
C ALA B 431 -2.11 25.29 4.90
N ALA B 432 -2.13 23.99 5.17
CA ALA B 432 -3.36 23.27 5.47
C ALA B 432 -3.91 23.59 6.86
N ALA B 433 -3.02 23.78 7.84
CA ALA B 433 -3.43 23.99 9.23
C ALA B 433 -4.13 25.33 9.46
N LYS B 434 -3.42 26.43 9.23
CA LYS B 434 -3.96 27.78 9.50
C LYS B 434 -5.18 28.11 8.65
N LEU B 435 -5.15 27.69 7.38
CA LEU B 435 -6.26 27.90 6.45
C LEU B 435 -7.47 26.99 6.75
N LYS B 436 -7.23 25.87 7.43
CA LYS B 436 -8.26 24.88 7.81
C LYS B 436 -8.94 24.31 6.57
N CYS B 437 -8.18 23.50 5.84
CA CYS B 437 -8.63 22.92 4.58
C CYS B 437 -8.01 21.54 4.38
N LEU B 438 -8.21 20.94 3.21
CA LEU B 438 -7.71 19.59 2.91
C LEU B 438 -6.19 19.57 2.70
N LEU B 439 -5.60 18.39 2.85
CA LEU B 439 -4.18 18.15 2.60
C LEU B 439 -4.01 16.81 1.90
N VAL B 440 -3.46 16.82 0.69
CA VAL B 440 -3.27 15.60 -0.09
C VAL B 440 -1.85 15.08 0.08
N THR B 441 -1.71 13.93 0.73
CA THR B 441 -0.45 13.18 0.80
C THR B 441 -0.69 11.77 1.33
N ASN B 442 0.07 10.80 0.81
CA ASN B 442 0.07 9.42 1.33
C ASN B 442 1.06 9.21 2.49
N ASP B 443 2.01 10.13 2.66
CA ASP B 443 3.01 10.02 3.73
C ASP B 443 2.37 10.25 5.10
N GLU B 444 2.00 9.16 5.77
CA GLU B 444 1.58 9.21 7.17
C GLU B 444 2.84 9.40 8.01
N MET B 445 2.89 10.51 8.74
CA MET B 445 4.14 11.02 9.29
C MET B 445 4.61 10.27 10.55
N ARG B 446 5.71 9.52 10.40
CA ARG B 446 6.35 8.79 11.49
C ARG B 446 7.33 9.78 12.18
N ASP B 447 8.62 9.43 12.29
CA ASP B 447 9.71 10.40 12.57
C ASP B 447 9.80 10.94 14.00
N HIS B 448 11.00 11.42 14.34
CA HIS B 448 11.28 12.07 15.63
C HIS B 448 11.23 13.61 15.55
N ILE B 449 11.19 14.17 14.34
CA ILE B 449 10.95 15.61 14.14
C ILE B 449 9.44 15.87 14.34
N PHE B 450 8.63 14.87 14.01
CA PHE B 450 7.19 14.87 14.29
C PHE B 450 6.85 14.92 15.79
N GLU B 451 7.66 14.28 16.63
CA GLU B 451 7.30 13.97 18.04
C GLU B 451 6.64 15.09 18.85
N LEU B 452 7.03 16.34 18.61
CA LEU B 452 6.45 17.50 19.30
C LEU B 452 4.98 17.76 18.90
N LEU B 453 4.57 17.24 17.74
CA LEU B 453 3.16 17.22 17.34
C LEU B 453 2.46 16.04 18.04
N GLY B 454 1.51 16.35 18.91
CA GLY B 454 0.87 15.35 19.78
C GLY B 454 -0.04 14.37 19.06
N SER B 455 -0.05 13.13 19.54
CA SER B 455 -0.91 12.07 18.97
C SER B 455 -2.38 12.26 19.33
N THR B 456 -2.66 12.90 20.47
CA THR B 456 -4.04 13.25 20.86
C THR B 456 -4.71 14.22 19.87
N PHE B 457 -3.92 15.11 19.27
CA PHE B 457 -4.43 16.14 18.35
C PHE B 457 -4.35 15.70 16.89
N PHE B 458 -3.13 15.38 16.45
CA PHE B 458 -2.85 15.20 15.02
C PHE B 458 -3.47 13.96 14.38
N GLN B 459 -3.67 12.90 15.17
CA GLN B 459 -4.36 11.70 14.66
C GLN B 459 -5.83 11.97 14.34
N LYS B 460 -6.46 12.87 15.10
CA LYS B 460 -7.81 13.36 14.79
C LYS B 460 -7.81 14.37 13.63
N TRP B 461 -6.75 15.16 13.53
CA TRP B 461 -6.56 16.11 12.41
C TRP B 461 -6.39 15.40 11.05
N LYS B 462 -5.63 14.31 11.04
CA LYS B 462 -5.45 13.49 9.83
C LYS B 462 -6.76 12.89 9.32
N GLU B 463 -7.56 12.34 10.25
CA GLU B 463 -8.87 11.77 9.92
C GLU B 463 -9.83 12.80 9.33
N ARG B 464 -9.72 14.05 9.78
CA ARG B 464 -10.55 15.15 9.29
C ARG B 464 -10.01 15.79 8.01
N HIS B 465 -8.72 16.12 8.00
CA HIS B 465 -8.12 16.96 6.93
C HIS B 465 -7.31 16.22 5.85
N GLN B 466 -6.67 15.10 6.19
CA GLN B 466 -5.80 14.40 5.24
C GLN B 466 -6.59 13.69 4.14
N VAL B 467 -6.07 13.76 2.92
CA VAL B 467 -6.65 13.09 1.74
C VAL B 467 -5.61 12.11 1.22
N ARG B 468 -5.97 10.83 1.19
CA ARG B 468 -5.12 9.77 0.64
C ARG B 468 -5.52 9.53 -0.80
N TYR B 469 -4.66 8.85 -1.57
CA TYR B 469 -4.90 8.61 -2.99
C TYR B 469 -4.26 7.31 -3.48
N THR B 470 -4.56 6.95 -4.73
CA THR B 470 -3.97 5.77 -5.38
C THR B 470 -4.00 5.87 -6.91
N PHE B 471 -2.99 5.28 -7.55
CA PHE B 471 -2.90 5.19 -9.01
C PHE B 471 -2.79 3.73 -9.42
N VAL B 472 -3.74 3.26 -10.25
CA VAL B 472 -3.69 1.94 -10.86
C VAL B 472 -3.79 2.14 -12.37
N LYS B 473 -2.87 1.52 -13.11
CA LYS B 473 -2.59 1.84 -14.53
C LYS B 473 -2.24 3.32 -14.70
N GLY B 474 -3.27 4.18 -14.71
CA GLY B 474 -3.06 5.64 -14.70
C GLY B 474 -4.32 6.41 -14.33
N ASN B 475 -5.06 5.92 -13.34
CA ASN B 475 -6.34 6.48 -12.94
C ASN B 475 -6.29 6.94 -11.48
N LEU B 476 -6.65 8.20 -11.24
CA LEU B 476 -6.61 8.77 -9.88
C LEU B 476 -7.91 8.43 -9.14
N LYS B 477 -7.76 7.92 -7.92
CA LYS B 477 -8.89 7.68 -7.01
C LYS B 477 -8.59 8.34 -5.67
N LEU B 478 -9.15 9.53 -5.46
CA LEU B 478 -8.97 10.28 -4.21
C LEU B 478 -9.78 9.67 -3.07
N GLU B 479 -9.09 9.12 -2.08
CA GLU B 479 -9.72 8.65 -0.84
C GLU B 479 -9.94 9.86 0.07
N MET B 480 -11.13 10.45 -0.02
CA MET B 480 -11.46 11.65 0.76
C MET B 480 -11.67 11.32 2.24
N PRO B 481 -11.52 12.33 3.13
CA PRO B 481 -11.73 12.08 4.56
C PRO B 481 -13.20 11.83 4.87
N SER B 482 -13.45 10.98 5.86
CA SER B 482 -14.80 10.51 6.20
C SER B 482 -15.72 11.67 6.59
N PRO B 483 -16.98 11.67 6.09
CA PRO B 483 -17.90 12.77 6.40
C PRO B 483 -18.45 12.78 7.83
N PHE B 484 -18.22 11.72 8.60
CA PHE B 484 -18.63 11.65 10.01
C PHE B 484 -17.43 11.31 10.89
N SER B 485 -17.34 11.96 12.05
CA SER B 485 -16.24 11.76 12.99
C SER B 485 -16.52 10.56 13.88
N VAL B 486 -15.47 9.81 14.21
CA VAL B 486 -15.58 8.63 15.09
C VAL B 486 -15.35 9.09 16.54
N VAL B 487 -16.33 9.80 17.10
CA VAL B 487 -16.29 10.30 18.48
C VAL B 487 -17.67 10.26 19.11
N ILE B 488 -17.73 10.50 20.41
CA ILE B 488 -18.99 10.62 21.14
C ILE B 488 -19.68 11.93 20.73
N GLN B 489 -21.00 11.86 20.54
CA GLN B 489 -21.78 13.01 20.07
C GLN B 489 -23.07 13.14 20.85
N GLU B 490 -23.42 14.40 21.18
CA GLU B 490 -24.73 14.75 21.72
C GLU B 490 -25.50 15.53 20.66
N SER B 491 -26.69 15.03 20.31
CA SER B 491 -27.53 15.67 19.31
C SER B 491 -28.19 16.95 19.83
N GLU B 492 -28.79 17.70 18.90
CA GLU B 492 -29.65 18.85 19.23
C GLU B 492 -30.89 18.42 20.04
N LYS B 493 -31.40 17.20 19.76
CA LYS B 493 -32.59 16.65 20.41
C LYS B 493 -32.32 15.95 21.76
N GLY B 494 -31.07 15.91 22.20
CA GLY B 494 -30.69 15.29 23.48
C GLY B 494 -30.26 13.84 23.39
N SER B 495 -30.31 13.26 22.18
CA SER B 495 -29.90 11.87 21.95
C SER B 495 -28.38 11.76 21.81
N TRP B 496 -27.81 10.67 22.36
CA TRP B 496 -26.37 10.44 22.38
C TRP B 496 -25.97 9.30 21.45
N HIS B 497 -24.71 9.33 21.02
CA HIS B 497 -24.11 8.25 20.23
C HIS B 497 -22.70 7.96 20.73
N PHE B 498 -22.42 6.69 21.03
CA PHE B 498 -21.13 6.28 21.61
C PHE B 498 -20.46 5.22 20.72
N PRO B 499 -19.33 5.58 20.07
CA PRO B 499 -18.56 4.56 19.33
C PRO B 499 -17.73 3.69 20.27
N VAL B 500 -17.74 2.37 20.06
CA VAL B 500 -16.91 1.45 20.84
C VAL B 500 -15.63 1.13 20.08
N SER B 501 -14.53 0.92 20.81
CA SER B 501 -13.22 0.61 20.23
C SER B 501 -13.17 -0.87 19.76
N CYS B 502 -12.04 -1.25 19.16
CA CYS B 502 -11.88 -2.61 18.63
C CYS B 502 -10.41 -3.02 18.50
N GLU B 503 -10.18 -4.33 18.42
CA GLU B 503 -8.83 -4.90 18.27
C GLU B 503 -8.28 -4.61 16.88
N ASN B 504 -9.02 -5.06 15.86
CA ASN B 504 -8.70 -4.80 14.46
C ASN B 504 -9.46 -3.55 14.01
N ASN B 505 -8.81 -2.70 13.22
CA ASN B 505 -9.44 -1.46 12.73
C ASN B 505 -10.67 -1.73 11.84
N GLU B 506 -11.83 -1.80 12.48
CA GLU B 506 -13.09 -2.17 11.82
C GLU B 506 -13.57 -1.10 10.81
N GLU B 507 -13.30 0.18 11.12
CA GLU B 507 -13.65 1.31 10.25
C GLU B 507 -15.17 1.47 10.07
N SER B 508 -15.78 0.63 9.24
CA SER B 508 -17.24 0.64 9.03
C SER B 508 -17.97 -0.37 9.93
N SER B 509 -17.31 -1.49 10.24
CA SER B 509 -17.92 -2.60 10.99
C SER B 509 -17.96 -2.44 12.53
N ARG B 510 -17.45 -1.34 13.07
CA ARG B 510 -17.57 -1.05 14.51
C ARG B 510 -19.02 -0.75 14.88
N THR B 511 -19.39 -1.11 16.11
CA THR B 511 -20.75 -0.90 16.62
C THR B 511 -20.83 0.42 17.40
N TRP B 512 -21.97 1.09 17.28
CA TRP B 512 -22.25 2.35 17.98
C TRP B 512 -23.47 2.16 18.87
N MET B 513 -23.35 2.50 20.16
CA MET B 513 -24.50 2.49 21.06
C MET B 513 -25.30 3.78 20.85
N CYS B 514 -26.55 3.62 20.41
CA CYS B 514 -27.45 4.75 20.14
C CYS B 514 -28.46 4.88 21.29
N ILE B 515 -28.53 6.08 21.87
CA ILE B 515 -29.47 6.39 22.96
C ILE B 515 -30.30 7.60 22.55
N SER B 516 -31.62 7.48 22.64
CA SER B 516 -32.54 8.55 22.22
C SER B 516 -33.92 8.46 22.87
N ARG B 517 -34.60 9.60 22.93
CA ARG B 517 -35.93 9.71 23.53
C ARG B 517 -37.03 9.51 22.50
N GLN B 518 -38.19 9.04 22.96
CA GLN B 518 -39.32 8.69 22.08
C GLN B 518 -40.07 9.93 21.61
ZN ZN C . 8.21 -9.24 -47.80
ZN ZN D . -28.52 6.41 16.21
#